data_6DF2
#
_entry.id   6DF2
#
_cell.length_a   136.510
_cell.length_b   110.550
_cell.length_c   69.080
_cell.angle_alpha   90.00
_cell.angle_beta   110.38
_cell.angle_gamma   90.00
#
_symmetry.space_group_name_H-M   'C 1 2 1'
#
loop_
_entity.id
_entity.type
_entity.pdbx_description
1 polymer 'Anti-phosphotyrosine antibody c310-4D5 heavy chain'
2 polymer 'Anti-phosphotyrosine antibody c310-4D5 light chain'
3 polymer LEU-PTR-LEU
4 water water
#
loop_
_entity_poly.entity_id
_entity_poly.type
_entity_poly.pdbx_seq_one_letter_code
_entity_poly.pdbx_strand_id
1 'polypeptide(L)'
;MKSLLPTAAAGLLLLAAQPAMASDIQMTQSPSSLSASVGDRVTITCRASSSVSSSYLHWYQQKPGKAPKLLIYSTSNLAS
GVPSRFSGSRSGTDFTLTISSLQPEDFATYYCQQYSRRTSYRTFGQGTKVEIKRTVAAPSVFIFPPSDSQLKSGTASVVC
LLNNFYPREAKVQWKVDNALQSGNSQESVTEQDSKDSTYSLSSTLTLSKADYEKHKVYACEVTHQGLSSPVTKSFNRGEC
GGSDYKDDDDK
;
L,A
2 'polypeptide(L)'
;MKKNIAFLLASMFVFSIATNAYAEISEVQLVESGGGLVQPGGSLRLSCAASGYTFTENTVHWVRQAPGKGLEWIGGINPY
YGGSIFSPKFKGRFTISADTSKNTAYLQMNSLRAEDTAVYYCARRAGAYYFDYWGQGTLVTVSSASTKGPSVFPLAPSSK
STSGGTAALGCLVKDYFPEPVTVSWNSGALTSGVHTFPAVLQSSGLYSLSSVVTVPSSSLGTQTYICNVNHKPSNTKVDK
KVEPKSCDKTHTGGSHHHHHH
;
H,B
3 'polypeptide(L)' L(PTR)L D,C
#
# COMPACT_ATOMS: atom_id res chain seq x y z
N ILE A 25 24.46 -7.24 -29.71
CA ILE A 25 23.06 -7.57 -29.94
C ILE A 25 22.18 -6.36 -29.70
N GLN A 26 21.83 -5.68 -30.78
CA GLN A 26 21.02 -4.50 -30.65
C GLN A 26 19.57 -4.69 -31.13
N MET A 27 18.64 -4.52 -30.21
CA MET A 27 17.26 -4.66 -30.53
C MET A 27 16.73 -3.49 -31.30
N THR A 28 15.79 -3.75 -32.17
CA THR A 28 15.12 -2.66 -32.88
C THR A 28 13.61 -2.86 -32.78
N GLN A 29 12.93 -1.99 -32.07
CA GLN A 29 11.51 -2.11 -31.83
C GLN A 29 10.65 -1.20 -32.69
N SER A 30 9.51 -1.71 -33.11
CA SER A 30 8.62 -1.01 -33.98
C SER A 30 7.18 -1.29 -33.69
N PRO A 31 6.31 -0.32 -33.96
CA PRO A 31 6.54 1.07 -34.29
C PRO A 31 6.82 1.90 -33.07
N SER A 32 7.10 3.16 -33.26
CA SER A 32 7.36 4.02 -32.10
C SER A 32 6.09 4.27 -31.31
N SER A 33 4.99 4.52 -32.01
CA SER A 33 3.69 4.70 -31.36
C SER A 33 2.61 4.27 -32.33
N LEU A 34 1.46 3.90 -31.78
CA LEU A 34 0.32 3.50 -32.61
C LEU A 34 -0.97 3.89 -31.92
N SER A 35 -2.01 4.04 -32.73
CA SER A 35 -3.34 4.40 -32.25
C SER A 35 -4.34 3.39 -32.79
N ALA A 36 -5.12 2.77 -31.89
CA ALA A 36 -6.08 1.76 -32.28
C ALA A 36 -7.31 1.86 -31.41
N SER A 37 -8.44 1.45 -31.97
CA SER A 37 -9.72 1.49 -31.27
C SER A 37 -9.86 0.30 -30.32
N VAL A 38 -10.81 0.41 -29.39
CA VAL A 38 -11.11 -0.68 -28.48
C VAL A 38 -11.66 -1.86 -29.27
N GLY A 39 -11.12 -3.05 -29.02
CA GLY A 39 -11.48 -4.24 -29.76
C GLY A 39 -10.56 -4.56 -30.92
N ASP A 40 -9.67 -3.65 -31.29
CA ASP A 40 -8.74 -3.88 -32.38
C ASP A 40 -7.62 -4.83 -31.96
N ARG A 41 -6.88 -5.31 -32.95
CA ARG A 41 -5.74 -6.18 -32.74
C ARG A 41 -4.46 -5.40 -33.05
N VAL A 42 -3.57 -5.29 -32.07
CA VAL A 42 -2.32 -4.59 -32.25
C VAL A 42 -1.18 -5.60 -32.20
N THR A 43 -0.12 -5.29 -32.96
CA THR A 43 1.10 -6.09 -32.94
C THR A 43 2.31 -5.16 -32.89
N ILE A 44 3.30 -5.57 -32.10
CA ILE A 44 4.56 -4.86 -31.91
C ILE A 44 5.68 -5.82 -32.25
N THR A 45 6.69 -5.35 -32.96
CA THR A 45 7.77 -6.21 -33.40
C THR A 45 9.11 -5.72 -32.86
N CYS A 46 9.87 -6.63 -32.27
CA CYS A 46 11.26 -6.39 -31.91
C CYS A 46 12.13 -7.30 -32.78
N ARG A 47 12.99 -6.69 -33.57
CA ARG A 47 13.92 -7.44 -34.40
C ARG A 47 15.26 -7.51 -33.69
N ALA A 48 15.68 -8.72 -33.46
CA ALA A 48 16.89 -8.97 -32.79
C ALA A 48 17.95 -9.24 -33.79
N SER A 49 18.90 -8.32 -33.79
CA SER A 49 20.11 -8.46 -34.53
C SER A 49 20.82 -9.57 -33.74
N SER A 50 21.40 -10.49 -34.49
CA SER A 50 22.10 -11.63 -33.97
C SER A 50 21.12 -12.69 -33.55
N SER A 51 21.60 -13.76 -32.93
CA SER A 51 20.67 -14.78 -32.58
C SER A 51 20.38 -14.86 -31.13
N VAL A 52 19.13 -14.63 -30.81
CA VAL A 52 18.72 -14.74 -29.41
C VAL A 52 17.89 -16.01 -29.26
N SER A 53 18.14 -16.74 -28.18
CA SER A 53 17.30 -17.90 -27.87
C SER A 53 15.89 -17.43 -27.57
N SER A 54 14.90 -18.24 -27.98
CA SER A 54 13.51 -17.91 -27.68
C SER A 54 13.26 -17.85 -26.17
N SER A 55 14.13 -18.45 -25.37
CA SER A 55 13.96 -18.42 -23.93
C SER A 55 14.31 -17.08 -23.30
N TYR A 56 15.10 -16.25 -23.99
CA TYR A 56 15.68 -15.05 -23.40
C TYR A 56 15.14 -13.76 -24.02
N LEU A 57 13.90 -13.77 -24.50
CA LEU A 57 13.24 -12.58 -25.03
C LEU A 57 11.93 -12.40 -24.28
N HIS A 58 11.74 -11.22 -23.69
CA HIS A 58 10.58 -10.97 -22.84
C HIS A 58 9.92 -9.65 -23.21
N TRP A 59 8.68 -9.47 -22.77
CA TRP A 59 7.89 -8.28 -23.03
C TRP A 59 7.34 -7.70 -21.73
N TYR A 60 7.50 -6.39 -21.57
CA TYR A 60 7.09 -5.62 -20.39
C TYR A 60 6.11 -4.53 -20.79
N GLN A 61 5.16 -4.26 -19.89
CA GLN A 61 4.18 -3.18 -20.04
C GLN A 61 4.42 -2.13 -18.97
N GLN A 62 4.50 -0.87 -19.38
CA GLN A 62 4.75 0.23 -18.46
C GLN A 62 3.65 1.28 -18.62
N LYS A 63 2.83 1.41 -17.63
CA LYS A 63 1.83 2.46 -17.58
C LYS A 63 2.43 3.74 -17.00
N PRO A 64 1.89 4.90 -17.35
CA PRO A 64 2.58 6.17 -17.04
C PRO A 64 2.91 6.32 -15.56
N GLY A 65 4.16 6.68 -15.28
CA GLY A 65 4.62 6.90 -13.92
C GLY A 65 4.75 5.66 -13.08
N LYS A 66 4.62 4.47 -13.67
CA LYS A 66 4.70 3.21 -12.94
C LYS A 66 5.93 2.43 -13.38
N ALA A 67 6.26 1.41 -12.61
CA ALA A 67 7.36 0.52 -12.96
C ALA A 67 6.92 -0.46 -14.05
N PRO A 68 7.85 -0.93 -14.88
CA PRO A 68 7.49 -1.94 -15.88
C PRO A 68 6.93 -3.19 -15.24
N LYS A 69 5.94 -3.79 -15.89
CA LYS A 69 5.30 -5.01 -15.43
C LYS A 69 5.52 -6.11 -16.46
N LEU A 70 6.02 -7.26 -16.01
CA LEU A 70 6.28 -8.37 -16.91
C LEU A 70 4.96 -8.89 -17.49
N LEU A 71 4.85 -8.85 -18.82
CA LEU A 71 3.68 -9.37 -19.53
C LEU A 71 3.93 -10.75 -20.11
N ILE A 72 5.02 -10.91 -20.84
CA ILE A 72 5.33 -12.19 -21.49
C ILE A 72 6.79 -12.50 -21.27
N TYR A 73 7.11 -13.77 -21.02
CA TYR A 73 8.48 -14.18 -20.84
C TYR A 73 8.78 -15.37 -21.74
N SER A 74 10.03 -15.44 -22.20
CA SER A 74 10.49 -16.50 -23.09
C SER A 74 9.62 -16.58 -24.34
N THR A 75 9.44 -15.42 -24.98
CA THR A 75 8.80 -15.26 -26.29
C THR A 75 7.28 -15.40 -26.25
N SER A 76 6.75 -16.44 -25.60
CA SER A 76 5.33 -16.75 -25.75
C SER A 76 4.57 -17.03 -24.46
N ASN A 77 5.24 -17.08 -23.30
CA ASN A 77 4.58 -17.49 -22.06
C ASN A 77 3.99 -16.27 -21.36
N LEU A 78 2.68 -16.31 -21.09
CA LEU A 78 2.03 -15.27 -20.32
C LEU A 78 2.49 -15.32 -18.86
N ALA A 79 2.68 -14.15 -18.27
CA ALA A 79 2.93 -14.08 -16.85
C ALA A 79 1.63 -14.27 -16.07
N SER A 80 1.76 -14.53 -14.77
CA SER A 80 0.59 -14.75 -13.92
C SER A 80 -0.31 -13.53 -13.91
N GLY A 81 -1.62 -13.78 -14.05
CA GLY A 81 -2.61 -12.72 -14.00
C GLY A 81 -2.71 -11.86 -15.24
N VAL A 82 -1.93 -12.15 -16.28
CA VAL A 82 -1.95 -11.36 -17.50
C VAL A 82 -3.05 -11.91 -18.40
N PRO A 83 -3.95 -11.06 -18.90
CA PRO A 83 -5.05 -11.56 -19.75
C PRO A 83 -4.51 -12.23 -21.01
N SER A 84 -5.23 -13.26 -21.46
CA SER A 84 -4.77 -14.09 -22.58
C SER A 84 -5.05 -13.46 -23.94
N ARG A 85 -5.59 -12.24 -24.00
CA ARG A 85 -5.58 -11.52 -25.26
C ARG A 85 -4.18 -11.08 -25.64
N PHE A 86 -3.25 -11.09 -24.68
CA PHE A 86 -1.83 -10.94 -24.98
C PHE A 86 -1.26 -12.27 -25.44
N SER A 87 -0.31 -12.19 -26.37
CA SER A 87 0.36 -13.37 -26.91
C SER A 87 1.65 -12.91 -27.56
N GLY A 88 2.55 -13.85 -27.77
CA GLY A 88 3.84 -13.53 -28.37
C GLY A 88 4.33 -14.68 -29.21
N SER A 89 5.13 -14.36 -30.18
CA SER A 89 5.70 -15.35 -31.05
C SER A 89 6.92 -14.83 -31.71
N ARG A 90 7.63 -15.73 -32.36
CA ARG A 90 8.86 -15.42 -33.02
C ARG A 90 8.85 -15.98 -34.42
N SER A 91 9.40 -15.26 -35.37
CA SER A 91 9.48 -15.71 -36.74
C SER A 91 10.85 -15.41 -37.22
N GLY A 92 11.78 -16.26 -36.91
CA GLY A 92 13.14 -16.02 -37.28
C GLY A 92 13.76 -14.99 -36.40
N THR A 93 14.27 -13.95 -37.01
CA THR A 93 14.95 -12.89 -36.33
C THR A 93 13.99 -11.89 -35.69
N ASP A 94 12.72 -12.08 -35.95
CA ASP A 94 11.70 -11.15 -35.50
C ASP A 94 10.76 -11.70 -34.44
N PHE A 95 10.52 -10.92 -33.38
CA PHE A 95 9.65 -11.28 -32.26
C PHE A 95 8.44 -10.40 -32.29
N THR A 96 7.29 -10.91 -31.86
CA THR A 96 6.03 -10.19 -32.00
C THR A 96 5.20 -10.33 -30.73
N LEU A 97 4.83 -9.18 -30.16
CA LEU A 97 3.80 -9.10 -29.13
C LEU A 97 2.48 -8.73 -29.79
N THR A 98 1.40 -9.42 -29.42
CA THR A 98 0.10 -9.24 -30.04
C THR A 98 -0.96 -9.10 -28.96
N ILE A 99 -1.74 -8.03 -29.03
CA ILE A 99 -2.96 -7.88 -28.25
C ILE A 99 -4.12 -8.16 -29.19
N SER A 100 -4.91 -9.19 -28.87
CA SER A 100 -5.97 -9.63 -29.76
C SER A 100 -7.17 -8.69 -29.74
N SER A 101 -7.58 -8.25 -28.55
CA SER A 101 -8.74 -7.37 -28.39
C SER A 101 -8.31 -6.21 -27.50
N LEU A 102 -8.01 -5.07 -28.12
CA LEU A 102 -7.51 -3.92 -27.38
C LEU A 102 -8.57 -3.36 -26.45
N GLN A 103 -8.16 -3.01 -25.24
CA GLN A 103 -9.02 -2.45 -24.21
C GLN A 103 -8.38 -1.20 -23.65
N PRO A 104 -9.16 -0.28 -23.07
CA PRO A 104 -8.60 1.02 -22.68
C PRO A 104 -7.52 0.92 -21.62
N GLU A 105 -7.59 -0.07 -20.72
CA GLU A 105 -6.54 -0.22 -19.72
C GLU A 105 -5.22 -0.69 -20.32
N ASP A 106 -5.20 -1.06 -21.59
CA ASP A 106 -3.96 -1.45 -22.25
C ASP A 106 -3.13 -0.25 -22.71
N PHE A 107 -3.57 0.97 -22.43
CA PHE A 107 -2.77 2.15 -22.74
C PHE A 107 -1.46 2.12 -21.94
N ALA A 108 -0.33 1.95 -22.63
CA ALA A 108 0.96 1.85 -21.96
C ALA A 108 2.05 2.00 -23.00
N THR A 109 3.29 1.93 -22.53
CA THR A 109 4.47 1.80 -23.37
C THR A 109 5.04 0.40 -23.17
N TYR A 110 5.30 -0.31 -24.27
CA TYR A 110 5.72 -1.70 -24.22
C TYR A 110 7.18 -1.81 -24.63
N TYR A 111 7.92 -2.65 -23.90
CA TYR A 111 9.36 -2.83 -24.12
C TYR A 111 9.66 -4.31 -24.29
N CYS A 112 10.52 -4.63 -25.24
CA CYS A 112 11.08 -5.97 -25.26
C CYS A 112 12.43 -5.96 -24.54
N GLN A 113 12.81 -7.12 -24.05
CA GLN A 113 14.04 -7.31 -23.34
C GLN A 113 14.72 -8.59 -23.77
N GLN A 114 16.02 -8.52 -23.88
CA GLN A 114 16.79 -9.65 -24.30
C GLN A 114 17.96 -9.89 -23.37
N TYR A 115 18.31 -11.14 -23.15
CA TYR A 115 19.42 -11.50 -22.33
C TYR A 115 20.33 -12.31 -23.18
N SER A 116 21.63 -12.06 -23.12
CA SER A 116 22.62 -12.83 -23.87
C SER A 116 23.40 -13.71 -22.90
N ARG A 117 23.45 -15.01 -23.19
CA ARG A 117 24.09 -15.95 -22.27
C ARG A 117 25.60 -15.83 -22.26
N ARG A 118 26.19 -15.25 -23.30
CA ARG A 118 27.65 -15.12 -23.34
C ARG A 118 28.14 -14.11 -22.32
N THR A 119 27.47 -12.95 -22.24
CA THR A 119 27.97 -11.84 -21.44
C THR A 119 27.13 -11.53 -20.21
N SER A 120 25.98 -12.18 -20.04
CA SER A 120 25.01 -11.88 -18.99
C SER A 120 24.40 -10.49 -19.13
N TYR A 121 24.62 -9.82 -20.25
CA TYR A 121 24.10 -8.48 -20.45
C TYR A 121 22.60 -8.51 -20.77
N ARG A 122 21.94 -7.39 -20.52
CA ARG A 122 20.55 -7.17 -20.89
C ARG A 122 20.46 -5.96 -21.79
N THR A 123 19.54 -6.02 -22.76
CA THR A 123 19.26 -4.88 -23.63
C THR A 123 17.76 -4.73 -23.79
N PHE A 124 17.27 -3.49 -23.77
CA PHE A 124 15.87 -3.20 -23.96
C PHE A 124 15.64 -2.57 -25.32
N GLY A 125 14.52 -2.90 -25.95
CA GLY A 125 14.03 -2.10 -27.06
C GLY A 125 13.66 -0.71 -26.60
N GLN A 126 13.48 0.18 -27.57
CA GLN A 126 13.26 1.59 -27.25
C GLN A 126 11.80 1.92 -26.94
N GLY A 127 10.88 0.98 -27.13
CA GLY A 127 9.55 1.15 -26.59
C GLY A 127 8.52 1.50 -27.65
N THR A 128 7.27 1.10 -27.41
CA THR A 128 6.14 1.37 -28.29
C THR A 128 4.98 1.87 -27.46
N LYS A 129 4.57 3.12 -27.70
CA LYS A 129 3.43 3.69 -26.99
C LYS A 129 2.14 3.31 -27.72
N VAL A 130 1.19 2.75 -26.99
CA VAL A 130 -0.08 2.27 -27.54
C VAL A 130 -1.18 3.19 -27.02
N GLU A 131 -1.66 4.08 -27.86
CA GLU A 131 -2.77 4.96 -27.52
C GLU A 131 -4.08 4.35 -27.96
N ILE A 132 -5.16 4.68 -27.24
CA ILE A 132 -6.49 4.19 -27.54
C ILE A 132 -7.24 5.26 -28.32
N LYS A 133 -7.76 4.88 -29.49
CA LYS A 133 -8.63 5.75 -30.26
C LYS A 133 -10.07 5.53 -29.83
N ARG A 134 -10.80 6.62 -29.60
CA ARG A 134 -12.17 6.55 -29.14
C ARG A 134 -12.97 7.67 -29.77
N THR A 135 -14.24 7.79 -29.37
CA THR A 135 -15.10 8.81 -29.95
C THR A 135 -14.79 10.18 -29.36
N VAL A 136 -15.10 11.21 -30.14
CA VAL A 136 -14.83 12.59 -29.72
C VAL A 136 -15.61 12.88 -28.44
N ALA A 137 -14.93 13.52 -27.48
CA ALA A 137 -15.53 13.94 -26.23
C ALA A 137 -15.15 15.39 -25.99
N ALA A 138 -16.14 16.24 -25.72
CA ALA A 138 -15.89 17.64 -25.47
C ALA A 138 -15.43 17.85 -24.03
N PRO A 139 -14.57 18.83 -23.80
CA PRO A 139 -14.06 19.07 -22.44
C PRO A 139 -15.08 19.79 -21.57
N SER A 140 -14.88 19.67 -20.26
CA SER A 140 -15.60 20.50 -19.30
C SER A 140 -14.65 21.57 -18.79
N VAL A 141 -15.06 22.83 -18.88
CA VAL A 141 -14.17 23.96 -18.60
C VAL A 141 -14.49 24.53 -17.23
N PHE A 142 -13.45 24.79 -16.44
CA PHE A 142 -13.56 25.46 -15.15
C PHE A 142 -12.49 26.54 -15.07
N ILE A 143 -12.78 27.60 -14.33
CA ILE A 143 -11.81 28.68 -14.14
C ILE A 143 -11.67 28.93 -12.65
N PHE A 144 -10.42 29.08 -12.20
CA PHE A 144 -10.07 29.30 -10.80
C PHE A 144 -9.34 30.63 -10.68
N PRO A 145 -9.89 31.59 -9.94
CA PRO A 145 -9.17 32.83 -9.65
C PRO A 145 -8.01 32.57 -8.69
N PRO A 146 -7.03 33.46 -8.64
CA PRO A 146 -5.95 33.30 -7.67
C PRO A 146 -6.48 33.43 -6.24
N SER A 147 -5.81 32.74 -5.32
CA SER A 147 -6.20 32.74 -3.93
C SER A 147 -5.67 33.96 -3.21
N ASP A 148 -6.37 34.36 -2.15
CA ASP A 148 -5.89 35.48 -1.33
C ASP A 148 -4.51 35.18 -0.76
N SER A 149 -4.27 33.92 -0.39
CA SER A 149 -2.97 33.51 0.11
C SER A 149 -1.86 33.82 -0.89
N GLN A 150 -2.08 33.54 -2.18
CA GLN A 150 -1.04 33.80 -3.16
C GLN A 150 -0.90 35.28 -3.45
N LEU A 151 -2.01 36.04 -3.44
CA LEU A 151 -1.94 37.47 -3.66
C LEU A 151 -1.18 38.18 -2.54
N LYS A 152 -1.28 37.67 -1.31
CA LYS A 152 -0.49 38.23 -0.22
C LYS A 152 1.01 38.02 -0.43
N SER A 153 1.41 37.23 -1.41
CA SER A 153 2.82 36.98 -1.69
C SER A 153 3.34 37.77 -2.90
N GLY A 154 2.48 38.47 -3.62
CA GLY A 154 2.90 39.34 -4.71
C GLY A 154 2.60 38.82 -6.10
N THR A 155 2.17 37.57 -6.24
CA THR A 155 1.89 36.98 -7.54
C THR A 155 0.43 36.56 -7.61
N ALA A 156 -0.09 36.44 -8.83
CA ALA A 156 -1.43 35.96 -9.08
C ALA A 156 -1.40 34.97 -10.23
N SER A 157 -1.93 33.77 -9.99
CA SER A 157 -2.02 32.72 -11.00
C SER A 157 -3.49 32.36 -11.20
N VAL A 158 -3.98 32.56 -12.42
CA VAL A 158 -5.33 32.18 -12.84
C VAL A 158 -5.24 30.84 -13.54
N VAL A 159 -6.12 29.91 -13.18
CA VAL A 159 -6.05 28.55 -13.71
C VAL A 159 -7.30 28.27 -14.53
N CYS A 160 -7.12 27.57 -15.64
CA CYS A 160 -8.22 27.12 -16.50
C CYS A 160 -8.06 25.62 -16.70
N LEU A 161 -9.11 24.86 -16.38
CA LEU A 161 -9.09 23.41 -16.41
C LEU A 161 -10.04 22.89 -17.47
N LEU A 162 -9.51 22.05 -18.37
CA LEU A 162 -10.27 21.30 -19.35
C LEU A 162 -10.29 19.84 -18.90
N ASN A 163 -11.48 19.32 -18.67
CA ASN A 163 -11.65 18.02 -18.01
C ASN A 163 -12.23 17.01 -18.98
N ASN A 164 -11.54 15.86 -19.10
CA ASN A 164 -12.01 14.65 -19.77
C ASN A 164 -12.48 14.89 -21.21
N PHE A 165 -11.56 15.03 -22.15
CA PHE A 165 -11.91 15.26 -23.54
C PHE A 165 -11.11 14.34 -24.46
N TYR A 166 -11.60 14.25 -25.69
CA TYR A 166 -10.93 13.55 -26.78
C TYR A 166 -11.42 14.14 -28.10
N PRO A 167 -10.51 14.32 -29.08
CA PRO A 167 -9.08 14.04 -29.06
C PRO A 167 -8.27 15.03 -28.23
N ARG A 168 -6.95 14.85 -28.22
CA ARG A 168 -6.11 15.61 -27.32
C ARG A 168 -5.96 17.07 -27.76
N GLU A 169 -6.01 17.33 -29.06
CA GLU A 169 -5.78 18.68 -29.58
C GLU A 169 -6.83 19.64 -29.02
N ALA A 170 -6.37 20.69 -28.35
CA ALA A 170 -7.26 21.68 -27.77
C ALA A 170 -6.57 23.04 -27.80
N LYS A 171 -7.37 24.10 -27.84
CA LYS A 171 -6.84 25.46 -27.86
C LYS A 171 -7.46 26.25 -26.71
N VAL A 172 -6.60 26.72 -25.80
CA VAL A 172 -6.99 27.58 -24.69
C VAL A 172 -6.34 28.94 -24.90
N GLN A 173 -7.16 29.99 -25.00
CA GLN A 173 -6.64 31.33 -25.18
C GLN A 173 -7.15 32.23 -24.07
N TRP A 174 -6.25 33.02 -23.50
CA TRP A 174 -6.55 33.88 -22.36
C TRP A 174 -6.89 35.28 -22.82
N LYS A 175 -7.94 35.85 -22.22
CA LYS A 175 -8.35 37.22 -22.48
C LYS A 175 -8.53 37.95 -21.16
N VAL A 176 -7.83 39.08 -21.02
CA VAL A 176 -7.96 39.95 -19.85
C VAL A 176 -8.52 41.27 -20.33
N ASP A 177 -9.70 41.64 -19.82
CA ASP A 177 -10.44 42.81 -20.31
C ASP A 177 -10.59 42.78 -21.82
N ASN A 178 -10.85 41.58 -22.36
CA ASN A 178 -11.02 41.27 -23.77
C ASN A 178 -9.72 41.41 -24.57
N ALA A 179 -8.60 41.72 -23.96
CA ALA A 179 -7.31 41.76 -24.65
C ALA A 179 -6.67 40.37 -24.64
N LEU A 180 -6.15 39.96 -25.79
CA LEU A 180 -5.60 38.61 -25.92
C LEU A 180 -4.19 38.53 -25.36
N GLN A 181 -3.95 37.49 -24.57
CA GLN A 181 -2.69 37.28 -23.89
C GLN A 181 -1.80 36.34 -24.67
N SER A 182 -0.49 36.46 -24.43
CA SER A 182 0.50 35.63 -25.10
C SER A 182 1.82 35.72 -24.33
N GLY A 183 2.48 34.57 -24.16
CA GLY A 183 3.77 34.53 -23.51
C GLY A 183 3.77 34.64 -22.00
N ASN A 184 2.61 34.53 -21.36
CA ASN A 184 2.54 34.57 -19.91
C ASN A 184 1.64 33.45 -19.37
N SER A 185 1.58 32.32 -20.09
CA SER A 185 0.76 31.19 -19.69
C SER A 185 1.45 29.89 -20.09
N GLN A 186 1.35 28.89 -19.22
CA GLN A 186 1.92 27.58 -19.46
C GLN A 186 0.83 26.53 -19.29
N GLU A 187 0.80 25.55 -20.17
CA GLU A 187 -0.22 24.51 -20.09
C GLU A 187 0.43 23.13 -19.93
N SER A 188 -0.42 22.17 -19.57
CA SER A 188 0.02 20.83 -19.21
C SER A 188 -1.11 19.87 -19.50
N VAL A 189 -0.80 18.72 -20.12
CA VAL A 189 -1.80 17.75 -20.52
C VAL A 189 -1.51 16.43 -19.83
N THR A 190 -2.54 15.82 -19.25
CA THR A 190 -2.40 14.52 -18.63
C THR A 190 -2.17 13.43 -19.68
N GLU A 191 -1.75 12.27 -19.21
CA GLU A 191 -1.71 11.11 -20.08
C GLU A 191 -3.11 10.54 -20.24
N GLN A 192 -3.27 9.70 -21.26
CA GLN A 192 -4.58 9.15 -21.56
C GLN A 192 -5.10 8.34 -20.38
N ASP A 193 -6.38 8.54 -20.07
CA ASP A 193 -6.98 7.88 -18.91
C ASP A 193 -7.15 6.39 -19.17
N SER A 194 -6.86 5.57 -18.15
CA SER A 194 -6.96 4.14 -18.30
C SER A 194 -8.39 3.61 -18.24
N LYS A 195 -9.36 4.45 -17.88
CA LYS A 195 -10.76 4.06 -17.84
C LYS A 195 -11.49 4.44 -19.12
N ASP A 196 -11.56 5.74 -19.42
CA ASP A 196 -12.33 6.24 -20.56
C ASP A 196 -11.47 6.87 -21.64
N SER A 197 -10.14 6.75 -21.54
CA SER A 197 -9.22 7.13 -22.61
C SER A 197 -9.28 8.62 -22.95
N THR A 198 -9.62 9.46 -21.98
CA THR A 198 -9.69 10.90 -22.21
C THR A 198 -8.42 11.57 -21.70
N TYR A 199 -8.29 12.85 -22.05
CA TYR A 199 -7.22 13.71 -21.57
C TYR A 199 -7.80 14.83 -20.72
N SER A 200 -6.90 15.52 -20.02
CA SER A 200 -7.27 16.73 -19.29
C SER A 200 -6.10 17.71 -19.37
N LEU A 201 -6.43 18.99 -19.42
CA LEU A 201 -5.47 20.05 -19.68
C LEU A 201 -5.61 21.14 -18.62
N SER A 202 -4.47 21.68 -18.18
CA SER A 202 -4.43 22.75 -17.20
C SER A 202 -3.58 23.87 -17.76
N SER A 203 -4.18 25.06 -17.91
CA SER A 203 -3.49 26.23 -18.42
C SER A 203 -3.43 27.29 -17.33
N THR A 204 -2.23 27.80 -17.07
CA THR A 204 -1.99 28.74 -15.99
C THR A 204 -1.50 30.06 -16.59
N LEU A 205 -2.25 31.13 -16.35
CA LEU A 205 -1.82 32.48 -16.63
C LEU A 205 -1.25 33.08 -15.35
N THR A 206 -0.08 33.69 -15.45
CA THR A 206 0.59 34.26 -14.29
C THR A 206 0.84 35.74 -14.51
N LEU A 207 0.53 36.55 -13.51
CA LEU A 207 0.78 37.98 -13.52
C LEU A 207 1.28 38.41 -12.15
N SER A 208 1.77 39.62 -12.07
CA SER A 208 2.15 40.12 -10.79
C SER A 208 0.90 40.64 -10.12
N LYS A 209 0.98 40.88 -8.84
CA LYS A 209 -0.13 41.41 -8.10
C LYS A 209 -0.54 42.77 -8.66
N ALA A 210 0.43 43.60 -9.00
CA ALA A 210 0.17 44.86 -9.61
C ALA A 210 -0.68 44.72 -10.86
N ASP A 211 -0.20 44.01 -11.87
CA ASP A 211 -0.93 43.86 -13.13
C ASP A 211 -2.29 43.19 -12.91
N TYR A 212 -2.35 42.19 -12.03
CA TYR A 212 -3.61 41.52 -11.77
C TYR A 212 -4.62 42.50 -11.18
N GLU A 213 -4.19 43.33 -10.22
CA GLU A 213 -5.09 44.32 -9.64
C GLU A 213 -5.43 45.47 -10.58
N LYS A 214 -4.76 45.57 -11.73
CA LYS A 214 -5.08 46.63 -12.64
C LYS A 214 -6.11 46.28 -13.71
N HIS A 215 -6.67 45.09 -13.65
CA HIS A 215 -7.66 44.63 -14.63
C HIS A 215 -8.84 43.99 -13.96
N LYS A 216 -9.95 43.84 -14.66
CA LYS A 216 -11.15 43.29 -14.03
C LYS A 216 -11.76 42.00 -14.54
N VAL A 217 -11.82 41.82 -15.84
CA VAL A 217 -12.46 40.64 -16.43
C VAL A 217 -11.38 39.66 -16.88
N TYR A 218 -11.48 38.41 -16.41
CA TYR A 218 -10.51 37.38 -16.74
C TYR A 218 -11.24 36.17 -17.31
N ALA A 219 -10.88 35.77 -18.53
CA ALA A 219 -11.58 34.70 -19.22
C ALA A 219 -10.59 33.78 -19.93
N CYS A 220 -10.90 32.49 -19.95
CA CYS A 220 -10.29 31.56 -20.89
C CYS A 220 -11.34 31.11 -21.89
N GLU A 221 -10.91 31.04 -23.15
CA GLU A 221 -11.76 30.62 -24.27
C GLU A 221 -11.17 29.34 -24.84
N VAL A 222 -12.00 28.31 -24.91
CA VAL A 222 -11.62 26.99 -25.38
C VAL A 222 -12.23 26.53 -26.68
N THR A 223 -11.40 26.03 -27.58
CA THR A 223 -11.88 25.45 -28.81
C THR A 223 -11.39 24.02 -28.88
N HIS A 224 -12.28 23.11 -29.21
CA HIS A 224 -11.96 21.71 -29.27
C HIS A 224 -12.82 21.07 -30.35
N GLN A 225 -12.35 19.99 -30.97
CA GLN A 225 -13.08 19.34 -32.05
C GLN A 225 -14.51 18.98 -31.65
N GLY A 226 -14.74 18.69 -30.37
CA GLY A 226 -16.08 18.39 -29.90
C GLY A 226 -16.94 19.59 -29.56
N LEU A 227 -16.42 20.78 -29.72
CA LEU A 227 -17.19 21.98 -29.45
C LEU A 227 -17.57 22.65 -30.74
N SER A 228 -18.85 22.86 -30.98
CA SER A 228 -19.29 23.50 -32.20
C SER A 228 -19.09 25.00 -32.12
N SER A 229 -19.13 25.47 -30.88
CA SER A 229 -18.89 26.86 -30.58
C SER A 229 -17.93 26.86 -29.43
N PRO A 230 -17.01 27.81 -29.40
CA PRO A 230 -16.06 27.85 -28.30
C PRO A 230 -16.74 28.16 -27.00
N VAL A 231 -16.18 27.62 -25.94
CA VAL A 231 -16.72 27.81 -24.61
C VAL A 231 -15.84 28.79 -23.87
N THR A 232 -16.47 29.72 -23.17
CA THR A 232 -15.74 30.74 -22.43
C THR A 232 -16.11 30.66 -20.96
N LYS A 233 -15.10 30.66 -20.10
CA LYS A 233 -15.30 30.80 -18.66
C LYS A 233 -14.59 32.07 -18.21
N SER A 234 -15.22 32.80 -17.30
CA SER A 234 -14.68 34.09 -16.90
C SER A 234 -15.11 34.41 -15.48
N PHE A 235 -14.33 35.27 -14.83
CA PHE A 235 -14.71 35.86 -13.55
C PHE A 235 -14.33 37.33 -13.57
N ASN A 236 -14.87 38.06 -12.60
CA ASN A 236 -14.57 39.46 -12.42
C ASN A 236 -13.86 39.59 -11.13
N ARG A 237 -12.71 40.24 -11.14
CA ARG A 237 -11.94 40.43 -9.94
C ARG A 237 -12.81 41.19 -8.95
N GLY A 238 -13.19 40.53 -7.88
CA GLY A 238 -14.05 41.10 -6.87
C GLY A 238 -15.18 40.21 -6.41
N GLU A 239 -16.24 40.10 -7.20
CA GLU A 239 -17.44 39.31 -6.88
C GLU A 239 -17.09 37.85 -6.61
N GLU B 27 3.30 -11.16 -2.64
CA GLU B 27 3.91 -10.91 -1.34
C GLU B 27 5.38 -10.50 -1.47
N VAL B 28 5.94 -10.70 -2.67
CA VAL B 28 7.28 -10.24 -2.97
C VAL B 28 7.24 -8.74 -3.21
N GLN B 29 8.17 -8.01 -2.59
CA GLN B 29 8.20 -6.56 -2.70
C GLN B 29 9.64 -6.07 -2.77
N LEU B 30 9.88 -5.12 -3.67
CA LEU B 30 11.10 -4.33 -3.70
C LEU B 30 10.70 -2.87 -3.55
N VAL B 31 11.22 -2.20 -2.51
CA VAL B 31 10.94 -0.79 -2.28
C VAL B 31 12.25 -0.03 -2.26
N GLU B 32 12.34 1.02 -3.06
CA GLU B 32 13.57 1.79 -3.22
C GLU B 32 13.56 3.01 -2.32
N SER B 33 14.74 3.62 -2.19
CA SER B 33 14.88 4.90 -1.51
C SER B 33 16.24 5.47 -1.88
N GLY B 34 16.42 6.75 -1.61
CA GLY B 34 17.68 7.35 -1.86
C GLY B 34 17.74 8.44 -2.87
N GLY B 35 16.80 8.55 -3.77
CA GLY B 35 16.92 9.56 -4.79
C GLY B 35 16.81 11.00 -4.40
N GLY B 36 17.25 11.89 -5.26
CA GLY B 36 17.12 13.27 -4.96
C GLY B 36 17.96 14.13 -5.83
N LEU B 37 18.29 15.29 -5.33
CA LEU B 37 19.13 16.27 -6.01
C LEU B 37 20.59 16.04 -5.67
N VAL B 38 21.45 16.11 -6.69
CA VAL B 38 22.89 15.92 -6.50
C VAL B 38 23.64 16.85 -7.44
N GLN B 39 24.73 17.45 -6.95
CA GLN B 39 25.54 18.32 -7.78
C GLN B 39 26.33 17.50 -8.78
N PRO B 40 26.61 18.07 -9.96
CA PRO B 40 27.44 17.35 -10.95
C PRO B 40 28.82 17.04 -10.38
N GLY B 41 29.37 15.91 -10.81
CA GLY B 41 30.60 15.40 -10.25
C GLY B 41 30.46 14.79 -8.87
N GLY B 42 29.28 14.88 -8.25
CA GLY B 42 29.03 14.27 -6.96
C GLY B 42 28.59 12.83 -7.09
N SER B 43 28.20 12.26 -5.95
CA SER B 43 27.86 10.85 -5.89
C SER B 43 26.60 10.67 -5.05
N LEU B 44 25.94 9.53 -5.22
CA LEU B 44 24.71 9.23 -4.51
C LEU B 44 24.57 7.72 -4.39
N ARG B 45 23.90 7.28 -3.34
CA ARG B 45 23.72 5.86 -3.04
C ARG B 45 22.23 5.55 -2.92
N LEU B 46 21.73 4.65 -3.76
CA LEU B 46 20.34 4.22 -3.75
C LEU B 46 20.21 2.87 -3.06
N SER B 47 19.05 2.64 -2.46
CA SER B 47 18.76 1.44 -1.71
C SER B 47 17.51 0.74 -2.25
N CYS B 48 17.54 -0.59 -2.19
CA CYS B 48 16.44 -1.45 -2.62
C CYS B 48 16.22 -2.49 -1.52
N ALA B 49 15.12 -2.36 -0.79
CA ALA B 49 14.77 -3.30 0.27
C ALA B 49 13.87 -4.38 -0.32
N ALA B 50 14.30 -5.63 -0.18
CA ALA B 50 13.56 -6.78 -0.69
C ALA B 50 12.86 -7.50 0.45
N SER B 51 11.69 -8.06 0.16
CA SER B 51 10.91 -8.77 1.16
C SER B 51 9.98 -9.74 0.47
N GLY B 52 9.51 -10.73 1.24
CA GLY B 52 8.59 -11.73 0.73
C GLY B 52 9.25 -12.96 0.16
N TYR B 53 10.57 -13.06 0.22
CA TYR B 53 11.29 -14.20 -0.31
C TYR B 53 12.69 -14.21 0.29
N THR B 54 13.38 -15.33 0.13
CA THR B 54 14.74 -15.44 0.63
C THR B 54 15.66 -14.61 -0.27
N PHE B 55 16.13 -13.48 0.27
CA PHE B 55 16.90 -12.51 -0.49
C PHE B 55 18.08 -13.13 -1.22
N THR B 56 18.59 -14.25 -0.71
CA THR B 56 19.82 -14.84 -1.22
C THR B 56 19.63 -15.67 -2.48
N GLU B 57 18.40 -15.94 -2.91
CA GLU B 57 18.13 -16.85 -4.01
C GLU B 57 17.82 -16.16 -5.34
N ASN B 58 17.91 -14.84 -5.40
CA ASN B 58 17.60 -14.14 -6.64
C ASN B 58 18.52 -12.94 -6.80
N THR B 59 19.09 -12.80 -7.98
CA THR B 59 19.89 -11.63 -8.30
C THR B 59 19.01 -10.38 -8.37
N VAL B 60 19.63 -9.21 -8.15
CA VAL B 60 18.92 -7.95 -8.14
C VAL B 60 19.66 -6.97 -9.05
N HIS B 61 18.92 -6.34 -9.96
CA HIS B 61 19.50 -5.48 -10.97
C HIS B 61 18.94 -4.07 -10.86
N TRP B 62 19.62 -3.13 -11.53
CA TRP B 62 19.20 -1.74 -11.59
C TRP B 62 19.03 -1.33 -13.05
N VAL B 63 17.95 -0.59 -13.32
CA VAL B 63 17.59 -0.14 -14.66
C VAL B 63 17.14 1.30 -14.55
N ARG B 64 17.66 2.17 -15.41
CA ARG B 64 17.28 3.58 -15.35
C ARG B 64 16.51 3.98 -16.59
N GLN B 65 15.79 5.10 -16.46
CA GLN B 65 14.94 5.62 -17.53
C GLN B 65 15.00 7.14 -17.49
N ALA B 66 15.67 7.74 -18.46
CA ALA B 66 15.70 9.19 -18.56
C ALA B 66 14.30 9.71 -18.90
N PRO B 67 13.97 10.93 -18.52
CA PRO B 67 12.62 11.46 -18.79
C PRO B 67 12.31 11.45 -20.28
N GLY B 68 11.22 10.77 -20.63
CA GLY B 68 10.81 10.63 -22.01
C GLY B 68 11.49 9.52 -22.78
N LYS B 69 12.66 9.07 -22.34
CA LYS B 69 13.41 8.04 -23.06
C LYS B 69 13.01 6.66 -22.55
N GLY B 70 13.76 5.63 -22.95
CA GLY B 70 13.44 4.26 -22.65
C GLY B 70 14.33 3.64 -21.58
N LEU B 71 14.12 2.34 -21.39
CA LEU B 71 14.79 1.61 -20.33
C LEU B 71 16.24 1.30 -20.70
N GLU B 72 17.12 1.36 -19.70
CA GLU B 72 18.54 1.09 -19.91
C GLU B 72 19.05 0.25 -18.75
N TRP B 73 19.60 -0.92 -19.06
CA TRP B 73 20.14 -1.79 -18.03
C TRP B 73 21.48 -1.25 -17.52
N ILE B 74 21.66 -1.29 -16.20
CA ILE B 74 22.87 -0.76 -15.57
C ILE B 74 23.77 -1.90 -15.13
N GLY B 75 23.25 -2.78 -14.29
CA GLY B 75 24.03 -3.88 -13.76
C GLY B 75 23.22 -4.64 -12.75
N GLY B 76 23.88 -5.64 -12.14
CA GLY B 76 23.20 -6.48 -11.18
C GLY B 76 24.16 -7.10 -10.19
N ILE B 77 23.59 -7.64 -9.12
CA ILE B 77 24.34 -8.27 -8.05
C ILE B 77 23.70 -9.61 -7.70
N ASN B 78 24.55 -10.57 -7.32
CA ASN B 78 24.09 -11.85 -6.81
C ASN B 78 24.30 -11.87 -5.31
N PRO B 79 23.26 -11.74 -4.49
CA PRO B 79 23.46 -11.62 -3.04
C PRO B 79 24.03 -12.88 -2.39
N TYR B 80 24.01 -14.02 -3.08
CA TYR B 80 24.57 -15.23 -2.48
C TYR B 80 26.09 -15.15 -2.41
N TYR B 81 26.72 -14.59 -3.43
CA TYR B 81 28.16 -14.39 -3.46
C TYR B 81 28.56 -12.97 -3.07
N GLY B 82 27.87 -11.97 -3.60
CA GLY B 82 28.21 -10.58 -3.39
C GLY B 82 28.79 -9.90 -4.60
N GLY B 83 29.03 -10.64 -5.70
CA GLY B 83 29.59 -10.04 -6.91
C GLY B 83 28.53 -9.48 -7.83
N SER B 84 28.99 -8.74 -8.83
CA SER B 84 28.11 -7.92 -9.65
C SER B 84 28.60 -7.87 -11.09
N ILE B 85 27.66 -7.80 -12.02
CA ILE B 85 27.95 -7.52 -13.43
C ILE B 85 27.52 -6.10 -13.75
N PHE B 86 28.15 -5.54 -14.78
CA PHE B 86 27.87 -4.17 -15.21
C PHE B 86 27.87 -4.08 -16.72
N SER B 87 26.97 -3.25 -17.24
CA SER B 87 27.06 -2.84 -18.63
C SER B 87 28.37 -2.07 -18.82
N PRO B 88 29.05 -2.23 -19.96
CA PRO B 88 30.30 -1.50 -20.18
C PRO B 88 30.17 0.01 -20.09
N LYS B 89 28.95 0.55 -20.15
CA LYS B 89 28.75 1.99 -20.06
C LYS B 89 28.94 2.51 -18.64
N PHE B 90 28.77 1.68 -17.62
CA PHE B 90 28.80 2.12 -16.24
C PHE B 90 29.87 1.46 -15.37
N LYS B 91 30.61 0.48 -15.90
CA LYS B 91 31.40 -0.40 -15.04
C LYS B 91 32.43 0.37 -14.23
N GLY B 92 33.04 1.41 -14.81
CA GLY B 92 34.05 2.15 -14.09
C GLY B 92 33.50 3.10 -13.04
N ARG B 93 32.27 3.59 -13.24
CA ARG B 93 31.73 4.66 -12.42
C ARG B 93 30.80 4.20 -11.30
N PHE B 94 30.02 3.15 -11.51
CA PHE B 94 29.04 2.71 -10.54
C PHE B 94 29.49 1.41 -9.88
N THR B 95 29.08 1.23 -8.64
CA THR B 95 29.25 -0.03 -7.93
C THR B 95 27.89 -0.50 -7.41
N ILE B 96 27.77 -1.81 -7.21
CA ILE B 96 26.57 -2.40 -6.62
C ILE B 96 27.01 -3.31 -5.48
N SER B 97 26.47 -3.07 -4.29
CA SER B 97 26.76 -3.93 -3.15
C SER B 97 25.46 -4.51 -2.63
N ALA B 98 25.55 -5.43 -1.70
CA ALA B 98 24.37 -6.00 -1.09
C ALA B 98 24.68 -6.30 0.33
N ASP B 99 23.74 -6.09 1.21
CA ASP B 99 23.92 -6.41 2.61
C ASP B 99 22.84 -7.42 2.85
N THR B 100 23.21 -8.67 2.99
CA THR B 100 22.25 -9.73 3.16
C THR B 100 21.52 -9.83 4.45
N SER B 101 21.99 -9.14 5.47
CA SER B 101 21.34 -9.20 6.75
C SER B 101 20.15 -8.26 6.81
N LYS B 102 20.15 -7.29 5.93
CA LYS B 102 19.10 -6.32 5.86
C LYS B 102 18.26 -6.47 4.63
N ASN B 103 18.56 -7.49 3.83
CA ASN B 103 17.91 -7.80 2.58
C ASN B 103 17.90 -6.61 1.70
N THR B 104 19.03 -5.94 1.61
CA THR B 104 19.06 -4.70 0.85
C THR B 104 20.16 -4.74 -0.18
N ALA B 105 19.87 -4.22 -1.38
CA ALA B 105 20.87 -3.96 -2.40
C ALA B 105 21.10 -2.46 -2.51
N TYR B 106 22.33 -2.10 -2.90
CA TYR B 106 22.75 -0.71 -2.96
C TYR B 106 23.40 -0.42 -4.30
N LEU B 107 23.09 0.76 -4.86
CA LEU B 107 23.71 1.26 -6.08
C LEU B 107 24.45 2.55 -5.76
N GLN B 108 25.78 2.50 -5.81
CA GLN B 108 26.62 3.66 -5.59
C GLN B 108 26.99 4.27 -6.94
N MET B 109 26.63 5.53 -7.14
CA MET B 109 26.84 6.25 -8.39
C MET B 109 27.81 7.39 -8.16
N ASN B 110 28.89 7.43 -8.93
CA ASN B 110 29.97 8.38 -8.74
C ASN B 110 30.13 9.25 -9.98
N SER B 111 30.67 10.45 -9.77
CA SER B 111 30.99 11.39 -10.84
C SER B 111 29.78 11.64 -11.74
N LEU B 112 28.67 11.99 -11.11
CA LEU B 112 27.40 12.09 -11.82
C LEU B 112 27.37 13.31 -12.73
N ARG B 113 26.78 13.13 -13.91
CA ARG B 113 26.65 14.17 -14.93
C ARG B 113 25.17 14.44 -15.19
N ALA B 114 24.90 15.50 -15.96
CA ALA B 114 23.53 15.86 -16.28
C ALA B 114 22.80 14.73 -17.00
N GLU B 115 23.51 13.95 -17.82
CA GLU B 115 22.89 12.84 -18.53
C GLU B 115 22.52 11.67 -17.63
N ASP B 116 22.90 11.71 -16.36
CA ASP B 116 22.53 10.67 -15.41
C ASP B 116 21.20 10.95 -14.73
N THR B 117 20.58 12.10 -15.00
CA THR B 117 19.26 12.40 -14.46
C THR B 117 18.25 11.42 -15.04
N ALA B 118 17.62 10.64 -14.16
CA ALA B 118 16.72 9.58 -14.63
C ALA B 118 15.98 8.99 -13.44
N VAL B 119 15.02 8.13 -13.76
CA VAL B 119 14.31 7.33 -12.76
C VAL B 119 15.03 5.99 -12.64
N TYR B 120 15.47 5.64 -11.44
CA TYR B 120 16.23 4.43 -11.21
C TYR B 120 15.35 3.39 -10.54
N TYR B 121 15.36 2.18 -11.09
CA TYR B 121 14.57 1.05 -10.65
C TYR B 121 15.50 -0.07 -10.21
N CYS B 122 15.10 -0.80 -9.18
CA CYS B 122 15.65 -2.13 -8.95
C CYS B 122 14.61 -3.16 -9.39
N ALA B 123 15.10 -4.31 -9.83
CA ALA B 123 14.23 -5.37 -10.31
C ALA B 123 14.86 -6.70 -9.95
N ARG B 124 14.02 -7.67 -9.63
CA ARG B 124 14.49 -9.01 -9.29
C ARG B 124 14.49 -9.88 -10.54
N ARG B 125 15.53 -10.67 -10.70
CA ARG B 125 15.60 -11.63 -11.79
C ARG B 125 15.06 -12.98 -11.33
N ALA B 126 14.26 -13.60 -12.18
CA ALA B 126 13.73 -14.93 -11.94
C ALA B 126 13.60 -15.64 -13.27
N GLY B 127 13.43 -16.96 -13.21
CA GLY B 127 13.21 -17.74 -14.43
C GLY B 127 14.33 -17.56 -15.43
N ALA B 128 13.95 -17.56 -16.71
CA ALA B 128 14.91 -17.45 -17.79
C ALA B 128 15.38 -16.01 -18.00
N TYR B 129 15.80 -15.36 -16.91
CA TYR B 129 16.43 -14.04 -16.95
C TYR B 129 15.45 -12.94 -17.35
N TYR B 130 14.26 -12.96 -16.75
CA TYR B 130 13.32 -11.87 -16.83
C TYR B 130 13.20 -11.18 -15.48
N PHE B 131 12.67 -9.95 -15.50
CA PHE B 131 12.49 -9.13 -14.30
C PHE B 131 11.02 -9.20 -13.89
N ASP B 132 10.72 -9.96 -12.84
CA ASP B 132 9.33 -10.20 -12.48
C ASP B 132 8.81 -9.33 -11.35
N TYR B 133 9.69 -8.65 -10.61
CA TYR B 133 9.25 -7.70 -9.58
C TYR B 133 10.14 -6.47 -9.64
N TRP B 134 9.51 -5.30 -9.76
CA TRP B 134 10.21 -4.03 -9.85
C TRP B 134 9.89 -3.15 -8.65
N GLY B 135 10.85 -2.32 -8.26
CA GLY B 135 10.60 -1.27 -7.31
C GLY B 135 9.79 -0.16 -7.95
N GLN B 136 9.41 0.82 -7.13
CA GLN B 136 8.61 1.93 -7.62
C GLN B 136 9.40 2.95 -8.42
N GLY B 137 10.71 2.96 -8.31
CA GLY B 137 11.47 3.94 -9.02
C GLY B 137 11.78 5.13 -8.15
N THR B 138 12.98 5.66 -8.29
CA THR B 138 13.39 6.80 -7.55
C THR B 138 14.07 7.77 -8.51
N LEU B 139 13.65 9.01 -8.52
CA LEU B 139 14.20 9.99 -9.43
C LEU B 139 15.45 10.68 -8.93
N VAL B 140 16.49 10.66 -9.72
CA VAL B 140 17.72 11.29 -9.39
C VAL B 140 17.92 12.48 -10.33
N THR B 141 18.21 13.64 -9.79
CA THR B 141 18.45 14.82 -10.58
C THR B 141 19.83 15.35 -10.36
N VAL B 142 20.59 15.52 -11.43
CA VAL B 142 21.92 16.03 -11.32
C VAL B 142 21.90 17.47 -11.71
N SER B 143 22.05 18.34 -10.75
CA SER B 143 21.98 19.77 -11.02
C SER B 143 22.71 20.53 -9.93
N SER B 144 23.22 21.70 -10.29
CA SER B 144 23.90 22.58 -9.35
C SER B 144 22.98 23.66 -8.79
N ALA B 145 21.68 23.59 -9.08
CA ALA B 145 20.72 24.51 -8.50
C ALA B 145 20.32 24.04 -7.11
N SER B 146 20.01 24.99 -6.25
CA SER B 146 19.68 24.69 -4.87
C SER B 146 18.22 24.23 -4.75
N THR B 147 17.97 23.39 -3.75
CA THR B 147 16.63 22.86 -3.57
C THR B 147 15.67 23.95 -3.10
N LYS B 148 14.40 23.80 -3.50
CA LYS B 148 13.36 24.77 -3.19
C LYS B 148 12.10 24.01 -2.82
N GLY B 149 11.57 24.28 -1.63
CA GLY B 149 10.33 23.68 -1.21
C GLY B 149 9.14 24.37 -1.86
N PRO B 150 8.05 23.63 -2.07
CA PRO B 150 6.91 24.19 -2.79
C PRO B 150 6.04 25.06 -1.90
N SER B 151 5.42 26.06 -2.53
CA SER B 151 4.32 26.80 -1.92
C SER B 151 3.01 26.22 -2.44
N VAL B 152 2.04 26.08 -1.54
CA VAL B 152 0.80 25.36 -1.85
C VAL B 152 -0.38 26.31 -1.65
N PHE B 153 -1.13 26.55 -2.74
CA PHE B 153 -2.25 27.48 -2.72
C PHE B 153 -3.55 26.76 -3.07
N PRO B 154 -4.68 27.22 -2.56
CA PRO B 154 -5.95 26.58 -2.92
C PRO B 154 -6.47 27.07 -4.26
N LEU B 155 -7.18 26.16 -4.94
CA LEU B 155 -8.01 26.47 -6.10
C LEU B 155 -9.43 26.23 -5.63
N ALA B 156 -10.08 27.29 -5.17
CA ALA B 156 -11.37 27.17 -4.48
C ALA B 156 -12.46 26.68 -5.42
N PRO B 157 -13.37 25.84 -4.94
CA PRO B 157 -14.35 25.20 -5.83
C PRO B 157 -15.17 26.21 -6.61
N SER B 158 -15.57 25.78 -7.82
CA SER B 158 -16.25 26.67 -8.77
C SER B 158 -17.72 26.86 -8.43
N SER B 159 -18.43 25.77 -8.13
CA SER B 159 -19.85 25.85 -7.81
C SER B 159 -20.04 26.18 -6.33
N LYS B 160 -21.26 26.62 -6.00
CA LYS B 160 -21.69 26.67 -4.62
C LYS B 160 -22.25 25.30 -4.23
N SER B 161 -22.48 25.12 -2.93
CA SER B 161 -23.04 23.87 -2.45
C SER B 161 -24.49 23.66 -2.89
N THR B 162 -25.07 24.62 -3.62
CA THR B 162 -26.48 24.62 -3.97
C THR B 162 -26.69 24.66 -5.49
N SER B 163 -25.63 24.39 -6.22
CA SER B 163 -25.57 24.49 -7.68
C SER B 163 -26.12 23.36 -8.45
N GLY B 164 -26.11 22.18 -7.88
CA GLY B 164 -26.69 21.04 -8.55
C GLY B 164 -25.88 20.06 -9.36
N GLY B 165 -24.61 20.31 -9.62
CA GLY B 165 -23.89 19.32 -10.42
C GLY B 165 -22.60 18.81 -9.84
N THR B 166 -21.56 18.96 -10.63
CA THR B 166 -20.23 18.61 -10.26
C THR B 166 -19.45 19.87 -10.10
N ALA B 167 -18.43 19.84 -9.29
CA ALA B 167 -17.63 21.00 -9.08
C ALA B 167 -16.20 20.64 -9.15
N ALA B 168 -15.38 21.57 -9.58
CA ALA B 168 -13.95 21.31 -9.61
C ALA B 168 -13.27 22.11 -8.50
N LEU B 169 -12.31 21.52 -7.85
CA LEU B 169 -11.54 22.19 -6.82
C LEU B 169 -10.11 21.75 -6.93
N GLY B 170 -9.19 22.51 -6.39
CA GLY B 170 -7.81 22.12 -6.50
C GLY B 170 -6.70 22.71 -5.71
N CYS B 171 -5.49 22.40 -6.14
CA CYS B 171 -4.27 22.83 -5.49
C CYS B 171 -3.21 23.24 -6.45
N LEU B 172 -2.58 24.36 -6.19
CA LEU B 172 -1.52 24.86 -7.00
C LEU B 172 -0.25 24.67 -6.22
N VAL B 173 0.71 23.96 -6.78
CA VAL B 173 1.99 23.66 -6.15
C VAL B 173 3.05 24.42 -6.95
N LYS B 174 3.49 25.56 -6.42
CA LYS B 174 4.32 26.51 -7.14
C LYS B 174 5.75 26.56 -6.58
N ASP B 175 6.69 26.81 -7.49
CA ASP B 175 8.06 27.23 -7.17
C ASP B 175 8.77 26.22 -6.27
N TYR B 176 8.93 25.01 -6.79
CA TYR B 176 9.70 23.98 -6.11
C TYR B 176 10.80 23.45 -7.02
N PHE B 177 11.79 22.83 -6.42
CA PHE B 177 12.90 22.22 -7.14
C PHE B 177 13.69 21.31 -6.22
N PRO B 178 14.03 20.10 -6.70
CA PRO B 178 13.64 19.61 -8.03
C PRO B 178 12.41 18.73 -7.99
N GLU B 179 12.15 18.06 -9.10
CA GLU B 179 11.15 17.01 -9.16
C GLU B 179 11.60 15.84 -8.30
N PRO B 180 10.66 15.07 -7.74
CA PRO B 180 9.21 15.24 -7.89
C PRO B 180 8.53 15.78 -6.65
N VAL B 181 7.22 16.02 -6.77
CA VAL B 181 6.34 16.18 -5.62
C VAL B 181 5.28 15.09 -5.72
N THR B 182 4.83 14.61 -4.56
CA THR B 182 3.70 13.71 -4.49
C THR B 182 2.49 14.48 -3.97
N VAL B 183 1.41 14.43 -4.73
CA VAL B 183 0.14 15.06 -4.34
C VAL B 183 -0.89 13.96 -4.15
N SER B 184 -1.65 14.06 -3.07
CA SER B 184 -2.78 13.17 -2.83
C SER B 184 -3.92 13.98 -2.25
N TRP B 185 -5.11 13.39 -2.23
CA TRP B 185 -6.29 14.06 -1.73
C TRP B 185 -6.90 13.23 -0.60
N ASN B 186 -7.17 13.90 0.53
CA ASN B 186 -7.72 13.25 1.71
C ASN B 186 -6.87 12.04 2.11
N SER B 187 -5.55 12.26 2.13
CA SER B 187 -4.56 11.26 2.51
C SER B 187 -4.58 10.03 1.61
N GLY B 188 -5.15 10.16 0.41
CA GLY B 188 -5.24 9.06 -0.53
C GLY B 188 -6.58 8.37 -0.56
N ALA B 189 -7.49 8.70 0.37
CA ALA B 189 -8.82 8.09 0.36
C ALA B 189 -9.66 8.58 -0.81
N LEU B 190 -9.35 9.74 -1.38
CA LEU B 190 -10.08 10.29 -2.52
C LEU B 190 -9.26 10.04 -3.78
N THR B 191 -9.80 9.23 -4.68
CA THR B 191 -9.03 8.75 -5.83
C THR B 191 -9.73 9.03 -7.15
N SER B 192 -11.02 8.74 -7.22
CA SER B 192 -11.74 8.88 -8.48
C SER B 192 -11.93 10.35 -8.84
N GLY B 193 -11.69 10.67 -10.11
CA GLY B 193 -11.83 12.03 -10.58
C GLY B 193 -10.66 12.93 -10.28
N VAL B 194 -9.56 12.39 -9.77
CA VAL B 194 -8.37 13.18 -9.46
C VAL B 194 -7.48 13.24 -10.69
N HIS B 195 -7.01 14.43 -11.01
CA HIS B 195 -6.00 14.63 -12.05
C HIS B 195 -4.88 15.48 -11.48
N THR B 196 -3.67 14.92 -11.46
CA THR B 196 -2.47 15.67 -11.13
C THR B 196 -1.66 15.85 -12.40
N PHE B 197 -1.47 17.09 -12.80
CA PHE B 197 -0.89 17.33 -14.10
C PHE B 197 0.64 17.26 -14.04
N PRO B 198 1.28 16.95 -15.17
CA PRO B 198 2.73 17.06 -15.23
C PRO B 198 3.19 18.45 -14.82
N ALA B 199 4.33 18.49 -14.13
CA ALA B 199 4.92 19.77 -13.77
C ALA B 199 5.43 20.49 -15.01
N VAL B 200 5.44 21.82 -14.93
CA VAL B 200 5.94 22.66 -16.01
C VAL B 200 7.05 23.55 -15.45
N LEU B 201 8.21 23.53 -16.11
CA LEU B 201 9.36 24.31 -15.69
C LEU B 201 9.12 25.77 -16.04
N GLN B 202 9.03 26.63 -15.01
CA GLN B 202 8.70 28.04 -15.19
C GLN B 202 9.92 28.81 -15.69
N SER B 203 9.69 30.11 -15.97
CA SER B 203 10.78 30.98 -16.40
C SER B 203 11.85 31.11 -15.33
N SER B 204 11.47 31.08 -14.05
CA SER B 204 12.41 31.22 -12.95
C SER B 204 13.33 30.02 -12.77
N GLY B 205 13.07 28.91 -13.46
CA GLY B 205 13.82 27.70 -13.26
C GLY B 205 13.25 26.76 -12.22
N LEU B 206 12.10 27.10 -11.64
CA LEU B 206 11.42 26.27 -10.65
C LEU B 206 10.19 25.63 -11.28
N TYR B 207 9.77 24.51 -10.71
CA TYR B 207 8.63 23.79 -11.24
C TYR B 207 7.32 24.31 -10.66
N SER B 208 6.23 23.94 -11.31
CA SER B 208 4.88 24.32 -10.86
C SER B 208 3.89 23.37 -11.49
N LEU B 209 2.97 22.85 -10.68
CA LEU B 209 1.92 21.99 -11.19
C LEU B 209 0.63 22.28 -10.45
N SER B 210 -0.45 21.68 -10.91
CA SER B 210 -1.76 21.81 -10.27
C SER B 210 -2.37 20.43 -10.13
N SER B 211 -3.17 20.25 -9.09
CA SER B 211 -3.89 19.00 -8.88
C SER B 211 -5.35 19.33 -8.63
N VAL B 212 -6.23 18.77 -9.45
CA VAL B 212 -7.65 19.05 -9.37
C VAL B 212 -8.40 17.75 -9.12
N VAL B 213 -9.57 17.89 -8.50
CA VAL B 213 -10.52 16.81 -8.34
C VAL B 213 -11.91 17.38 -8.59
N THR B 214 -12.79 16.56 -9.17
CA THR B 214 -14.19 16.90 -9.35
C THR B 214 -15.03 16.11 -8.35
N VAL B 215 -15.98 16.81 -7.74
CA VAL B 215 -16.80 16.22 -6.67
C VAL B 215 -18.25 16.67 -6.86
N PRO B 216 -19.18 16.01 -6.19
CA PRO B 216 -20.56 16.52 -6.17
C PRO B 216 -20.61 17.87 -5.46
N SER B 217 -21.38 18.79 -6.03
CA SER B 217 -21.54 20.11 -5.40
C SER B 217 -22.11 19.98 -4.00
N SER B 218 -23.07 19.07 -3.82
CA SER B 218 -23.74 18.91 -2.52
C SER B 218 -22.75 18.61 -1.41
N SER B 219 -21.65 17.93 -1.72
CA SER B 219 -20.69 17.55 -0.69
C SER B 219 -19.77 18.69 -0.28
N LEU B 220 -19.92 19.87 -0.86
CA LEU B 220 -18.97 20.95 -0.56
C LEU B 220 -19.08 21.42 0.89
N GLY B 221 -20.27 21.36 1.48
CA GLY B 221 -20.43 21.86 2.83
C GLY B 221 -20.08 20.87 3.94
N THR B 222 -19.89 19.60 3.61
CA THR B 222 -19.73 18.54 4.61
C THR B 222 -18.42 17.79 4.48
N GLN B 223 -18.09 17.32 3.28
CA GLN B 223 -16.86 16.56 3.09
C GLN B 223 -15.66 17.50 3.12
N THR B 224 -14.68 17.17 3.96
CA THR B 224 -13.45 17.93 4.02
C THR B 224 -12.56 17.52 2.86
N TYR B 225 -12.00 18.49 2.16
CA TYR B 225 -11.09 18.23 1.07
C TYR B 225 -9.74 18.82 1.38
N ILE B 226 -8.77 17.97 1.54
CA ILE B 226 -7.45 18.40 1.89
C ILE B 226 -6.50 17.88 0.86
N CYS B 227 -5.60 18.73 0.45
CA CYS B 227 -4.64 18.32 -0.50
C CYS B 227 -3.30 18.18 0.18
N ASN B 228 -2.74 16.98 0.14
CA ASN B 228 -1.49 16.69 0.78
C ASN B 228 -0.35 16.72 -0.18
N VAL B 229 0.62 17.56 0.08
CA VAL B 229 1.75 17.70 -0.79
C VAL B 229 3.02 17.28 -0.10
N ASN B 230 3.84 16.52 -0.79
CA ASN B 230 5.09 16.07 -0.21
C ASN B 230 6.22 16.22 -1.18
N HIS B 231 7.22 17.01 -0.84
CA HIS B 231 8.35 17.22 -1.70
C HIS B 231 9.53 16.80 -0.88
N LYS B 232 10.08 15.63 -1.15
CA LYS B 232 11.17 15.13 -0.32
C LYS B 232 12.50 15.85 -0.31
N PRO B 233 12.98 16.23 -1.46
CA PRO B 233 14.26 16.92 -1.60
C PRO B 233 14.46 18.04 -0.60
N SER B 234 13.38 18.71 -0.25
CA SER B 234 13.38 19.76 0.76
C SER B 234 12.70 19.35 2.06
N ASN B 235 12.24 18.10 2.17
CA ASN B 235 11.56 17.60 3.37
C ASN B 235 10.38 18.49 3.74
N THR B 236 9.52 18.75 2.77
CA THR B 236 8.33 19.58 2.94
C THR B 236 7.10 18.68 2.88
N LYS B 237 6.29 18.71 3.94
CA LYS B 237 5.02 17.98 3.96
C LYS B 237 3.94 18.98 4.39
N VAL B 238 3.14 19.42 3.43
CA VAL B 238 2.11 20.43 3.65
C VAL B 238 0.75 19.79 3.42
N ASP B 239 -0.22 20.13 4.27
CA ASP B 239 -1.61 19.69 4.10
C ASP B 239 -2.47 20.95 4.01
N LYS B 240 -3.00 21.22 2.82
CA LYS B 240 -3.74 22.46 2.56
C LYS B 240 -5.22 22.14 2.41
N LYS B 241 -6.03 22.67 3.31
CA LYS B 241 -7.48 22.53 3.22
C LYS B 241 -8.05 23.49 2.18
N VAL B 242 -8.88 22.98 1.30
CA VAL B 242 -9.51 23.78 0.25
C VAL B 242 -10.96 24.02 0.64
N GLU B 243 -11.34 25.28 0.79
CA GLU B 243 -12.68 25.67 1.20
C GLU B 243 -13.34 26.55 0.15
N PRO B 244 -14.67 26.55 0.07
CA PRO B 244 -15.35 27.35 -0.97
C PRO B 244 -15.19 28.85 -0.82
N LYS B 245 -15.77 29.60 -1.76
CA LYS B 245 -15.66 31.06 -1.81
C LYS B 245 -14.21 31.51 -1.80
N LEU C 1 32.20 -12.21 -7.58
CA LEU C 1 31.63 -13.36 -8.25
C LEU C 1 30.15 -13.21 -8.47
N LEU C 3 28.50 -15.08 -11.29
CA LEU C 3 28.06 -16.39 -11.74
C LEU C 3 28.44 -17.49 -10.77
N ILE D 25 21.21 -16.46 28.41
CA ILE D 25 20.11 -17.39 28.66
C ILE D 25 19.17 -17.41 27.47
N GLN D 26 18.86 -18.61 26.99
CA GLN D 26 17.97 -18.78 25.86
C GLN D 26 16.85 -19.73 26.22
N MET D 27 15.62 -19.33 25.97
CA MET D 27 14.50 -20.21 26.28
C MET D 27 14.18 -21.07 25.07
N THR D 28 13.92 -22.36 25.30
CA THR D 28 13.49 -23.24 24.25
C THR D 28 12.12 -23.69 24.67
N GLN D 29 11.13 -23.37 23.86
CA GLN D 29 9.77 -23.71 24.14
C GLN D 29 9.25 -24.67 23.09
N SER D 30 8.65 -25.77 23.50
CA SER D 30 8.12 -26.72 22.55
C SER D 30 6.85 -27.20 23.13
N PRO D 31 5.83 -27.79 22.36
CA PRO D 31 6.03 -27.88 20.91
C PRO D 31 5.80 -26.55 20.22
N SER D 32 6.02 -26.50 18.90
CA SER D 32 5.70 -25.28 18.15
C SER D 32 4.20 -25.11 17.99
N SER D 33 3.48 -26.21 17.82
CA SER D 33 2.03 -26.17 17.71
C SER D 33 1.46 -27.50 18.17
N LEU D 34 0.24 -27.47 18.69
CA LEU D 34 -0.43 -28.69 19.09
C LEU D 34 -1.93 -28.55 18.81
N SER D 35 -2.57 -29.69 18.58
CA SER D 35 -3.99 -29.77 18.28
C SER D 35 -4.63 -30.72 19.28
N ALA D 36 -5.74 -30.29 19.89
CA ALA D 36 -6.40 -31.10 20.90
C ALA D 36 -7.89 -30.81 20.88
N SER D 37 -8.65 -31.72 21.50
CA SER D 37 -10.10 -31.63 21.53
C SER D 37 -10.58 -30.88 22.76
N VAL D 38 -11.83 -30.40 22.71
CA VAL D 38 -12.41 -29.71 23.84
C VAL D 38 -12.50 -30.67 25.02
N GLY D 39 -12.01 -30.22 26.18
CA GLY D 39 -11.99 -31.03 27.38
C GLY D 39 -10.67 -31.74 27.62
N ASP D 40 -9.75 -31.72 26.66
CA ASP D 40 -8.49 -32.40 26.80
C ASP D 40 -7.56 -31.66 27.74
N ARG D 41 -6.44 -32.30 28.08
CA ARG D 41 -5.41 -31.73 28.94
C ARG D 41 -4.09 -31.67 28.18
N VAL D 42 -3.59 -30.46 27.94
CA VAL D 42 -2.35 -30.31 27.20
C VAL D 42 -1.32 -29.60 28.08
N THR D 43 -0.05 -29.87 27.78
CA THR D 43 1.08 -29.29 28.50
C THR D 43 2.06 -28.70 27.51
N ILE D 44 2.59 -27.53 27.87
CA ILE D 44 3.60 -26.82 27.10
C ILE D 44 4.87 -26.76 27.95
N THR D 45 6.03 -26.91 27.31
CA THR D 45 7.30 -26.98 28.01
C THR D 45 8.20 -25.81 27.62
N CYS D 46 8.98 -25.36 28.60
CA CYS D 46 9.91 -24.26 28.47
C CYS D 46 11.20 -24.68 29.18
N ARG D 47 12.33 -24.56 28.49
CA ARG D 47 13.61 -24.95 29.05
C ARG D 47 14.56 -23.76 29.05
N ALA D 48 15.21 -23.53 30.19
CA ALA D 48 16.19 -22.47 30.32
C ALA D 48 17.59 -23.00 30.05
N SER D 49 18.42 -22.17 29.41
CA SER D 49 19.79 -22.58 29.13
C SER D 49 20.63 -22.74 30.39
N SER D 50 20.25 -22.08 31.48
CA SER D 50 20.93 -22.23 32.76
C SER D 50 19.87 -22.23 33.86
N SER D 51 20.30 -21.96 35.10
CA SER D 51 19.42 -22.08 36.26
C SER D 51 18.68 -20.77 36.51
N VAL D 52 17.38 -20.77 36.27
CA VAL D 52 16.51 -19.64 36.54
C VAL D 52 15.79 -19.89 37.86
N SER D 53 15.72 -18.87 38.71
CA SER D 53 14.93 -18.96 39.93
C SER D 53 13.46 -19.20 39.60
N SER D 54 12.80 -20.02 40.41
CA SER D 54 11.39 -20.30 40.18
C SER D 54 10.52 -19.06 40.31
N SER D 55 10.99 -18.03 41.03
CA SER D 55 10.23 -16.81 41.18
C SER D 55 10.16 -16.00 39.88
N TYR D 56 10.97 -16.33 38.87
CA TYR D 56 11.20 -15.46 37.73
C TYR D 56 10.85 -16.12 36.40
N LEU D 57 9.91 -17.07 36.40
CA LEU D 57 9.42 -17.67 35.17
C LEU D 57 7.91 -17.48 35.12
N HIS D 58 7.41 -16.98 34.00
CA HIS D 58 6.01 -16.62 33.87
C HIS D 58 5.47 -17.10 32.53
N TRP D 59 4.16 -17.23 32.45
CA TRP D 59 3.45 -17.70 31.27
C TRP D 59 2.38 -16.69 30.88
N TYR D 60 2.35 -16.36 29.59
CA TYR D 60 1.41 -15.43 29.00
C TYR D 60 0.62 -16.11 27.88
N GLN D 61 -0.61 -15.65 27.71
CA GLN D 61 -1.51 -16.08 26.64
C GLN D 61 -1.80 -14.89 25.74
N GLN D 62 -1.70 -15.10 24.42
CA GLN D 62 -2.03 -14.07 23.45
C GLN D 62 -3.01 -14.64 22.43
N LYS D 63 -4.24 -14.13 22.46
CA LYS D 63 -5.25 -14.46 21.48
C LYS D 63 -5.06 -13.61 20.23
N PRO D 64 -5.60 -14.04 19.08
CA PRO D 64 -5.37 -13.31 17.83
C PRO D 64 -5.77 -11.84 17.93
N GLY D 65 -4.84 -10.96 17.56
CA GLY D 65 -5.08 -9.53 17.54
C GLY D 65 -4.95 -8.84 18.87
N LYS D 66 -4.86 -9.57 19.98
CA LYS D 66 -4.88 -8.97 21.29
C LYS D 66 -3.48 -8.92 21.88
N ALA D 67 -3.32 -8.10 22.92
CA ALA D 67 -2.07 -8.02 23.65
C ALA D 67 -1.90 -9.26 24.52
N PRO D 68 -0.67 -9.62 24.88
CA PRO D 68 -0.46 -10.76 25.76
C PRO D 68 -1.14 -10.54 27.11
N LYS D 69 -1.52 -11.65 27.73
CA LYS D 69 -2.20 -11.64 29.02
C LYS D 69 -1.47 -12.57 29.97
N LEU D 70 -1.17 -12.08 31.16
CA LEU D 70 -0.47 -12.91 32.14
C LEU D 70 -1.37 -14.05 32.60
N LEU D 71 -0.87 -15.28 32.49
CA LEU D 71 -1.54 -16.46 33.01
C LEU D 71 -0.95 -16.92 34.33
N ILE D 72 0.35 -17.18 34.35
CA ILE D 72 1.00 -17.77 35.53
C ILE D 72 2.23 -16.94 35.86
N TYR D 73 2.38 -16.56 37.12
CA TYR D 73 3.57 -15.87 37.56
C TYR D 73 4.31 -16.70 38.60
N SER D 74 5.64 -16.62 38.56
CA SER D 74 6.50 -17.35 39.48
C SER D 74 6.21 -18.84 39.44
N THR D 75 6.26 -19.40 38.23
CA THR D 75 6.19 -20.84 37.96
C THR D 75 4.79 -21.41 38.13
N SER D 76 4.12 -21.13 39.24
CA SER D 76 2.90 -21.84 39.56
C SER D 76 1.75 -21.00 40.11
N ASN D 77 1.91 -19.69 40.24
CA ASN D 77 0.86 -18.85 40.82
C ASN D 77 -0.08 -18.33 39.74
N LEU D 78 -1.38 -18.41 40.01
CA LEU D 78 -2.41 -18.09 39.04
C LEU D 78 -2.69 -16.59 39.03
N ALA D 79 -2.49 -15.95 37.88
CA ALA D 79 -2.71 -14.51 37.77
C ALA D 79 -4.21 -14.19 37.89
N SER D 80 -4.49 -12.91 38.11
CA SER D 80 -5.87 -12.46 38.27
C SER D 80 -6.63 -12.56 36.95
N GLY D 81 -7.90 -12.95 37.04
CA GLY D 81 -8.71 -13.11 35.86
C GLY D 81 -8.41 -14.33 35.03
N VAL D 82 -7.69 -15.30 35.58
CA VAL D 82 -7.30 -16.51 34.87
C VAL D 82 -8.06 -17.69 35.50
N PRO D 83 -8.79 -18.47 34.71
CA PRO D 83 -9.46 -19.64 35.29
C PRO D 83 -8.45 -20.65 35.84
N SER D 84 -8.89 -21.42 36.82
CA SER D 84 -8.03 -22.42 37.43
C SER D 84 -7.68 -23.56 36.48
N ARG D 85 -8.25 -23.60 35.28
CA ARG D 85 -7.88 -24.60 34.30
C ARG D 85 -6.41 -24.55 33.94
N PHE D 86 -5.76 -23.40 34.17
CA PHE D 86 -4.33 -23.25 33.91
C PHE D 86 -3.54 -23.52 35.19
N SER D 87 -2.38 -24.13 35.03
CA SER D 87 -1.45 -24.32 36.14
C SER D 87 -0.05 -24.41 35.57
N GLY D 88 0.94 -24.31 36.45
CA GLY D 88 2.32 -24.40 36.03
C GLY D 88 3.14 -25.11 37.09
N SER D 89 4.23 -25.73 36.64
CA SER D 89 5.10 -26.41 37.58
C SER D 89 6.50 -26.50 36.96
N ARG D 90 7.39 -27.20 37.65
CA ARG D 90 8.80 -27.22 37.29
C ARG D 90 9.43 -28.54 37.72
N SER D 91 10.32 -29.07 36.89
CA SER D 91 11.07 -30.29 37.19
C SER D 91 12.12 -30.62 36.13
N GLY D 92 13.34 -30.12 36.28
CA GLY D 92 13.70 -29.16 37.32
C GLY D 92 14.24 -27.92 36.62
N THR D 93 14.88 -28.15 35.48
CA THR D 93 15.14 -27.09 34.52
C THR D 93 14.01 -26.94 33.51
N ASP D 94 12.97 -27.76 33.64
CA ASP D 94 11.80 -27.71 32.77
C ASP D 94 10.65 -27.03 33.48
N PHE D 95 10.07 -26.02 32.83
CA PHE D 95 8.84 -25.40 33.29
C PHE D 95 7.71 -25.85 32.39
N THR D 96 6.56 -26.13 32.98
CA THR D 96 5.42 -26.62 32.22
C THR D 96 4.17 -25.81 32.55
N LEU D 97 3.42 -25.50 31.50
CA LEU D 97 2.10 -24.91 31.58
C LEU D 97 1.07 -25.97 31.20
N THR D 98 0.11 -26.23 32.08
CA THR D 98 -0.93 -27.21 31.84
C THR D 98 -2.28 -26.52 31.71
N ILE D 99 -2.97 -26.80 30.61
CA ILE D 99 -4.38 -26.46 30.44
C ILE D 99 -5.17 -27.75 30.62
N SER D 100 -6.00 -27.80 31.65
CA SER D 100 -6.51 -29.08 32.14
C SER D 100 -7.86 -29.46 31.53
N SER D 101 -8.69 -28.50 31.15
CA SER D 101 -9.94 -28.77 30.46
C SER D 101 -10.00 -27.82 29.28
N LEU D 102 -9.45 -28.25 28.14
CA LEU D 102 -9.28 -27.36 27.01
C LEU D 102 -10.63 -26.86 26.51
N GLN D 103 -10.75 -25.55 26.39
CA GLN D 103 -11.95 -24.86 25.95
C GLN D 103 -11.72 -24.20 24.60
N PRO D 104 -12.75 -24.03 23.78
CA PRO D 104 -12.56 -23.42 22.46
C PRO D 104 -12.01 -22.00 22.52
N GLU D 105 -12.17 -21.29 23.62
CA GLU D 105 -11.57 -19.97 23.77
C GLU D 105 -10.15 -20.02 24.30
N ASP D 106 -9.54 -21.20 24.34
CA ASP D 106 -8.12 -21.34 24.65
C ASP D 106 -7.23 -21.25 23.41
N PHE D 107 -7.83 -21.16 22.22
CA PHE D 107 -7.06 -20.97 20.99
C PHE D 107 -6.23 -19.70 21.09
N ALA D 108 -4.92 -19.85 21.15
CA ALA D 108 -4.02 -18.73 21.37
C ALA D 108 -2.59 -19.20 21.19
N THR D 109 -1.67 -18.26 21.24
CA THR D 109 -0.25 -18.55 21.32
C THR D 109 0.24 -18.25 22.73
N TYR D 110 0.95 -19.20 23.31
CA TYR D 110 1.42 -19.09 24.68
C TYR D 110 2.92 -18.89 24.70
N TYR D 111 3.40 -18.07 25.65
CA TYR D 111 4.80 -17.72 25.75
C TYR D 111 5.26 -17.88 27.18
N CYS D 112 6.46 -18.41 27.37
CA CYS D 112 7.12 -18.27 28.66
C CYS D 112 8.05 -17.06 28.60
N GLN D 113 8.28 -16.50 29.78
CA GLN D 113 9.14 -15.35 29.95
C GLN D 113 10.00 -15.54 31.18
N GLN D 114 11.27 -15.23 31.05
CA GLN D 114 12.17 -15.33 32.17
C GLN D 114 12.82 -14.01 32.51
N TYR D 115 13.17 -13.85 33.76
CA TYR D 115 13.83 -12.66 34.21
C TYR D 115 15.14 -13.01 34.82
N SER D 116 16.18 -12.45 34.28
CA SER D 116 17.52 -12.61 34.86
C SER D 116 17.71 -11.60 35.98
N ARG D 117 18.36 -12.03 37.05
CA ARG D 117 18.66 -11.16 38.19
C ARG D 117 20.09 -10.63 38.18
N ARG D 118 21.04 -11.37 37.62
CA ARG D 118 22.41 -10.89 37.46
C ARG D 118 22.38 -9.60 36.64
N THR D 119 22.09 -9.72 35.36
CA THR D 119 21.60 -8.59 34.60
C THR D 119 20.12 -8.40 34.90
N SER D 120 19.49 -7.42 34.25
CA SER D 120 18.06 -7.20 34.43
C SER D 120 17.26 -7.52 33.17
N TYR D 121 17.71 -8.51 32.40
CA TYR D 121 17.15 -8.79 31.10
C TYR D 121 15.94 -9.72 31.20
N ARG D 122 15.08 -9.62 30.20
CA ARG D 122 13.97 -10.54 30.01
C ARG D 122 14.20 -11.36 28.75
N THR D 123 13.74 -12.60 28.77
CA THR D 123 13.80 -13.47 27.60
C THR D 123 12.44 -14.13 27.43
N PHE D 124 11.89 -14.06 26.22
CA PHE D 124 10.66 -14.74 25.88
C PHE D 124 10.98 -16.00 25.10
N GLY D 125 10.26 -17.07 25.41
CA GLY D 125 10.29 -18.22 24.53
C GLY D 125 9.62 -17.92 23.21
N GLN D 126 9.98 -18.71 22.20
CA GLN D 126 9.16 -18.74 21.00
C GLN D 126 7.78 -19.27 21.37
N GLY D 127 6.77 -18.89 20.62
CA GLY D 127 5.42 -19.23 21.00
C GLY D 127 5.11 -20.71 20.91
N THR D 128 3.96 -21.06 21.46
CA THR D 128 3.31 -22.35 21.21
C THR D 128 1.87 -22.07 20.81
N LYS D 129 1.52 -22.41 19.58
CA LYS D 129 0.17 -22.21 19.08
C LYS D 129 -0.69 -23.40 19.47
N VAL D 130 -1.83 -23.13 20.11
CA VAL D 130 -2.76 -24.18 20.54
C VAL D 130 -3.98 -24.11 19.64
N GLU D 131 -4.26 -25.22 18.94
CA GLU D 131 -5.38 -25.33 18.03
C GLU D 131 -6.41 -26.31 18.61
N ILE D 132 -7.66 -26.16 18.16
CA ILE D 132 -8.77 -26.94 18.69
C ILE D 132 -9.25 -27.88 17.59
N LYS D 133 -9.21 -29.18 17.86
CA LYS D 133 -9.83 -30.17 17.00
C LYS D 133 -11.33 -30.22 17.27
N ARG D 134 -12.11 -30.35 16.20
CA ARG D 134 -13.57 -30.44 16.33
C ARG D 134 -14.10 -31.26 15.16
N THR D 135 -15.43 -31.34 15.09
CA THR D 135 -16.07 -32.10 14.03
C THR D 135 -16.16 -31.30 12.74
N VAL D 136 -16.35 -32.01 11.63
CA VAL D 136 -16.43 -31.37 10.32
C VAL D 136 -17.70 -30.53 10.23
N ALA D 137 -17.54 -29.28 9.81
CA ALA D 137 -18.65 -28.40 9.50
C ALA D 137 -18.46 -27.87 8.08
N ALA D 138 -19.50 -27.99 7.26
CA ALA D 138 -19.43 -27.54 5.88
C ALA D 138 -19.64 -26.03 5.79
N PRO D 139 -19.00 -25.37 4.83
CA PRO D 139 -19.10 -23.91 4.73
C PRO D 139 -20.43 -23.47 4.12
N SER D 140 -20.87 -22.29 4.54
CA SER D 140 -21.94 -21.59 3.84
C SER D 140 -21.31 -20.67 2.79
N VAL D 141 -21.78 -20.75 1.56
CA VAL D 141 -21.15 -20.04 0.45
C VAL D 141 -22.06 -18.91 -0.01
N PHE D 142 -21.53 -17.69 0.01
CA PHE D 142 -22.20 -16.52 -0.54
C PHE D 142 -21.31 -15.91 -1.62
N ILE D 143 -21.93 -15.11 -2.49
CA ILE D 143 -21.21 -14.41 -3.55
C ILE D 143 -21.74 -12.99 -3.65
N PHE D 144 -20.84 -12.06 -3.94
CA PHE D 144 -21.13 -10.62 -3.98
C PHE D 144 -20.58 -10.03 -5.27
N PRO D 145 -21.43 -9.49 -6.13
CA PRO D 145 -20.94 -8.77 -7.31
C PRO D 145 -20.37 -7.43 -6.92
N PRO D 146 -19.63 -6.77 -7.82
CA PRO D 146 -19.07 -5.46 -7.48
C PRO D 146 -20.16 -4.41 -7.30
N SER D 147 -19.87 -3.44 -6.45
CA SER D 147 -20.76 -2.30 -6.29
C SER D 147 -20.64 -1.38 -7.50
N ASP D 148 -21.79 -0.89 -7.97
CA ASP D 148 -21.78 0.05 -9.09
C ASP D 148 -20.90 1.27 -8.79
N SER D 149 -20.69 1.57 -7.51
CA SER D 149 -19.80 2.66 -7.12
C SER D 149 -18.35 2.34 -7.44
N GLN D 150 -17.96 1.06 -7.39
CA GLN D 150 -16.57 0.71 -7.66
C GLN D 150 -16.27 0.67 -9.15
N LEU D 151 -17.24 0.25 -9.97
CA LEU D 151 -16.99 0.17 -11.41
C LEU D 151 -16.73 1.54 -12.02
N LYS D 152 -17.32 2.59 -11.47
CA LYS D 152 -17.03 3.94 -11.94
C LYS D 152 -15.58 4.35 -11.70
N SER D 153 -14.80 3.52 -11.00
CA SER D 153 -13.40 3.77 -10.74
C SER D 153 -12.47 2.92 -11.60
N GLY D 154 -13.02 2.05 -12.45
CA GLY D 154 -12.24 1.27 -13.39
C GLY D 154 -12.03 -0.18 -12.99
N THR D 155 -12.27 -0.53 -11.74
CA THR D 155 -12.01 -1.87 -11.25
C THR D 155 -13.29 -2.50 -10.72
N ALA D 156 -13.40 -3.82 -10.89
CA ALA D 156 -14.47 -4.61 -10.33
C ALA D 156 -13.88 -5.69 -9.44
N SER D 157 -14.44 -5.83 -8.24
CA SER D 157 -14.04 -6.87 -7.29
C SER D 157 -15.26 -7.71 -6.97
N VAL D 158 -15.19 -9.00 -7.34
CA VAL D 158 -16.21 -9.97 -7.01
C VAL D 158 -15.74 -10.78 -5.81
N VAL D 159 -16.59 -10.98 -4.82
CA VAL D 159 -16.20 -11.62 -3.57
C VAL D 159 -16.99 -12.91 -3.38
N CYS D 160 -16.33 -13.92 -2.83
CA CYS D 160 -16.95 -15.21 -2.49
C CYS D 160 -16.62 -15.51 -1.03
N LEU D 161 -17.65 -15.75 -0.22
CA LEU D 161 -17.49 -15.95 1.21
C LEU D 161 -17.84 -17.38 1.59
N LEU D 162 -16.93 -18.04 2.31
CA LEU D 162 -17.14 -19.35 2.91
C LEU D 162 -17.19 -19.15 4.42
N ASN D 163 -18.35 -19.37 5.02
CA ASN D 163 -18.60 -19.03 6.40
C ASN D 163 -18.69 -20.27 7.26
N ASN D 164 -17.91 -20.28 8.36
CA ASN D 164 -18.04 -21.20 9.48
C ASN D 164 -17.94 -22.67 9.03
N PHE D 165 -16.71 -23.07 8.73
CA PHE D 165 -16.44 -24.42 8.30
C PHE D 165 -15.25 -25.00 9.05
N TYR D 166 -15.10 -26.32 8.95
CA TYR D 166 -14.00 -27.06 9.54
C TYR D 166 -13.92 -28.42 8.84
N PRO D 167 -12.70 -28.87 8.50
CA PRO D 167 -11.40 -28.26 8.78
C PRO D 167 -11.01 -27.11 7.84
N ARG D 168 -9.78 -26.63 8.01
CA ARG D 168 -9.33 -25.40 7.36
C ARG D 168 -9.23 -25.59 5.84
N GLU D 169 -9.02 -26.82 5.38
CA GLU D 169 -8.75 -27.05 3.97
C GLU D 169 -10.02 -26.88 3.14
N ALA D 170 -9.93 -26.05 2.10
CA ALA D 170 -11.07 -25.79 1.22
C ALA D 170 -10.54 -25.21 -0.08
N LYS D 171 -11.08 -25.68 -1.20
CA LYS D 171 -10.66 -25.22 -2.51
C LYS D 171 -11.75 -24.34 -3.12
N VAL D 172 -11.40 -23.11 -3.47
CA VAL D 172 -12.30 -22.19 -4.14
C VAL D 172 -11.74 -21.91 -5.53
N GLN D 173 -12.62 -21.97 -6.54
CA GLN D 173 -12.21 -21.75 -7.93
C GLN D 173 -13.20 -20.82 -8.59
N TRP D 174 -12.68 -19.83 -9.32
CA TRP D 174 -13.52 -18.87 -10.03
C TRP D 174 -13.76 -19.31 -11.46
N LYS D 175 -15.03 -19.28 -11.87
CA LYS D 175 -15.44 -19.53 -13.24
C LYS D 175 -16.14 -18.28 -13.77
N VAL D 176 -15.63 -17.74 -14.88
CA VAL D 176 -16.23 -16.61 -15.57
C VAL D 176 -16.72 -17.12 -16.91
N ASP D 177 -18.06 -17.13 -17.09
CA ASP D 177 -18.69 -17.75 -18.25
C ASP D 177 -18.13 -19.16 -18.47
N ASN D 178 -17.99 -19.89 -17.37
CA ASN D 178 -17.50 -21.27 -17.36
C ASN D 178 -16.06 -21.38 -17.87
N ALA D 179 -15.28 -20.31 -17.72
CA ALA D 179 -13.85 -20.32 -17.99
C ALA D 179 -13.11 -20.23 -16.66
N LEU D 180 -12.32 -21.25 -16.34
CA LEU D 180 -11.67 -21.32 -15.04
C LEU D 180 -10.55 -20.29 -14.95
N GLN D 181 -10.55 -19.52 -13.85
CA GLN D 181 -9.68 -18.36 -13.69
C GLN D 181 -8.44 -18.69 -12.89
N SER D 182 -7.39 -17.90 -13.11
CA SER D 182 -6.11 -18.10 -12.43
C SER D 182 -5.33 -16.80 -12.39
N GLY D 183 -4.69 -16.52 -11.26
CA GLY D 183 -3.81 -15.39 -11.11
C GLY D 183 -4.47 -14.05 -10.91
N ASN D 184 -5.80 -14.00 -10.78
CA ASN D 184 -6.53 -12.75 -10.61
C ASN D 184 -7.41 -12.76 -9.36
N SER D 185 -7.16 -13.69 -8.44
CA SER D 185 -7.93 -13.79 -7.20
C SER D 185 -6.99 -13.92 -6.02
N GLN D 186 -7.48 -13.56 -4.84
CA GLN D 186 -6.71 -13.64 -3.61
C GLN D 186 -7.61 -14.08 -2.48
N GLU D 187 -7.10 -14.97 -1.63
CA GLU D 187 -7.88 -15.53 -0.54
C GLU D 187 -7.29 -15.13 0.80
N SER D 188 -8.16 -15.07 1.80
CA SER D 188 -7.78 -14.77 3.18
C SER D 188 -8.64 -15.62 4.09
N VAL D 189 -8.02 -16.25 5.08
CA VAL D 189 -8.73 -17.08 6.01
C VAL D 189 -8.63 -16.52 7.41
N THR D 190 -9.72 -16.55 8.15
CA THR D 190 -9.69 -16.09 9.50
C THR D 190 -9.10 -17.11 10.42
N GLU D 191 -8.78 -16.71 11.63
CA GLU D 191 -8.27 -17.62 12.63
C GLU D 191 -9.40 -18.38 13.22
N GLN D 192 -9.06 -19.45 13.88
CA GLN D 192 -10.05 -20.34 14.48
C GLN D 192 -10.94 -19.57 15.45
N ASP D 193 -12.25 -19.62 15.22
CA ASP D 193 -13.21 -18.93 16.07
C ASP D 193 -13.07 -19.37 17.52
N SER D 194 -13.09 -18.40 18.44
CA SER D 194 -12.98 -18.71 19.86
C SER D 194 -14.26 -19.27 20.45
N LYS D 195 -15.35 -19.33 19.68
CA LYS D 195 -16.61 -19.87 20.15
C LYS D 195 -16.86 -21.28 19.65
N ASP D 196 -16.88 -21.47 18.33
CA ASP D 196 -17.20 -22.77 17.74
C ASP D 196 -16.05 -23.38 16.95
N SER D 197 -14.87 -22.76 16.97
CA SER D 197 -13.63 -23.35 16.46
C SER D 197 -13.66 -23.56 14.94
N THR D 198 -14.46 -22.78 14.22
CA THR D 198 -14.54 -22.90 12.77
C THR D 198 -13.65 -21.85 12.10
N TYR D 199 -13.55 -21.96 10.78
CA TYR D 199 -12.82 -21.04 9.94
C TYR D 199 -13.78 -20.37 8.96
N SER D 200 -13.35 -19.24 8.42
CA SER D 200 -14.04 -18.53 7.36
C SER D 200 -13.02 -18.03 6.35
N LEU D 201 -13.41 -18.03 5.08
CA LEU D 201 -12.51 -17.72 3.98
C LEU D 201 -13.18 -16.74 3.05
N SER D 202 -12.43 -15.73 2.61
CA SER D 202 -12.91 -14.80 1.59
C SER D 202 -12.00 -14.89 0.38
N SER D 203 -12.60 -14.86 -0.80
CA SER D 203 -11.88 -14.91 -2.07
C SER D 203 -12.31 -13.72 -2.91
N THR D 204 -11.35 -12.91 -3.35
CA THR D 204 -11.63 -11.73 -4.15
C THR D 204 -11.04 -11.91 -5.54
N LEU D 205 -11.91 -11.96 -6.54
CA LEU D 205 -11.52 -11.93 -7.95
C LEU D 205 -11.56 -10.47 -8.42
N THR D 206 -10.47 -10.02 -9.02
CA THR D 206 -10.32 -8.63 -9.43
C THR D 206 -10.17 -8.54 -10.94
N LEU D 207 -11.05 -7.77 -11.58
CA LEU D 207 -11.00 -7.51 -13.01
C LEU D 207 -11.07 -6.01 -13.25
N SER D 208 -10.83 -5.62 -14.50
CA SER D 208 -11.10 -4.24 -14.89
C SER D 208 -12.56 -4.08 -15.28
N LYS D 209 -13.01 -2.82 -15.34
CA LYS D 209 -14.39 -2.54 -15.72
C LYS D 209 -14.70 -3.12 -17.10
N ALA D 210 -13.75 -3.04 -18.03
CA ALA D 210 -13.97 -3.59 -19.36
C ALA D 210 -14.08 -5.11 -19.32
N ASP D 211 -13.11 -5.77 -18.68
CA ASP D 211 -13.15 -7.23 -18.56
C ASP D 211 -14.43 -7.69 -17.87
N TYR D 212 -14.79 -7.05 -16.76
CA TYR D 212 -16.02 -7.43 -16.07
C TYR D 212 -17.24 -7.23 -16.96
N GLU D 213 -17.29 -6.12 -17.69
CA GLU D 213 -18.45 -5.82 -18.53
C GLU D 213 -18.51 -6.68 -19.77
N LYS D 214 -17.45 -7.42 -20.11
CA LYS D 214 -17.46 -8.29 -21.28
C LYS D 214 -17.85 -9.73 -20.96
N HIS D 215 -18.56 -9.98 -19.85
CA HIS D 215 -18.96 -11.33 -19.49
C HIS D 215 -20.29 -11.28 -18.76
N LYS D 216 -20.97 -12.43 -18.71
CA LYS D 216 -22.31 -12.53 -18.13
C LYS D 216 -22.34 -13.30 -16.82
N VAL D 217 -21.82 -14.53 -16.78
CA VAL D 217 -22.00 -15.43 -15.65
C VAL D 217 -20.73 -15.45 -14.82
N TYR D 218 -20.86 -15.19 -13.51
CA TYR D 218 -19.76 -15.24 -12.57
C TYR D 218 -20.10 -16.22 -11.45
N ALA D 219 -19.18 -17.15 -11.17
CA ALA D 219 -19.47 -18.20 -10.20
C ALA D 219 -18.22 -18.60 -9.45
N CYS D 220 -18.38 -18.96 -8.18
CA CYS D 220 -17.32 -19.62 -7.43
C CYS D 220 -17.75 -21.04 -7.08
N GLU D 221 -16.81 -21.97 -7.25
CA GLU D 221 -17.01 -23.39 -6.96
C GLU D 221 -16.15 -23.76 -5.77
N VAL D 222 -16.80 -24.26 -4.72
CA VAL D 222 -16.18 -24.57 -3.44
C VAL D 222 -16.23 -26.08 -3.26
N THR D 223 -15.06 -26.67 -3.03
CA THR D 223 -14.94 -28.08 -2.64
C THR D 223 -14.39 -28.14 -1.22
N HIS D 224 -15.14 -28.79 -0.34
CA HIS D 224 -14.75 -28.96 1.05
C HIS D 224 -15.07 -30.38 1.47
N GLN D 225 -14.29 -30.91 2.42
CA GLN D 225 -14.49 -32.28 2.89
C GLN D 225 -15.90 -32.48 3.44
N GLY D 226 -16.50 -31.46 4.04
CA GLY D 226 -17.86 -31.52 4.53
C GLY D 226 -18.93 -31.33 3.48
N LEU D 227 -18.55 -31.26 2.22
CA LEU D 227 -19.51 -31.14 1.12
C LEU D 227 -19.48 -32.44 0.31
N SER D 228 -20.64 -33.08 0.16
CA SER D 228 -20.73 -34.32 -0.60
C SER D 228 -20.32 -34.14 -2.05
N SER D 229 -20.42 -32.92 -2.58
CA SER D 229 -20.01 -32.61 -3.93
C SER D 229 -19.75 -31.11 -4.02
N PRO D 230 -18.93 -30.68 -4.97
CA PRO D 230 -18.65 -29.24 -5.10
C PRO D 230 -19.92 -28.41 -5.22
N VAL D 231 -19.93 -27.28 -4.50
CA VAL D 231 -21.04 -26.33 -4.51
C VAL D 231 -20.63 -25.13 -5.37
N THR D 232 -21.57 -24.59 -6.14
CA THR D 232 -21.31 -23.40 -6.94
C THR D 232 -22.33 -22.33 -6.60
N LYS D 233 -21.84 -21.12 -6.33
CA LYS D 233 -22.71 -19.96 -6.22
C LYS D 233 -22.40 -19.02 -7.38
N SER D 234 -23.46 -18.53 -8.04
CA SER D 234 -23.29 -17.81 -9.29
C SER D 234 -24.29 -16.67 -9.37
N PHE D 235 -23.95 -15.68 -10.19
CA PHE D 235 -24.88 -14.61 -10.54
C PHE D 235 -24.62 -14.21 -11.99
N ASN D 236 -25.62 -13.57 -12.58
CA ASN D 236 -25.51 -12.97 -13.90
C ASN D 236 -25.44 -11.45 -13.74
N ARG D 237 -24.50 -10.83 -14.45
CA ARG D 237 -24.45 -9.37 -14.46
C ARG D 237 -25.68 -8.84 -15.18
N GLY D 238 -26.55 -8.14 -14.43
CA GLY D 238 -27.77 -7.61 -15.00
C GLY D 238 -29.03 -8.09 -14.28
N GLU D 239 -29.10 -9.38 -14.00
CA GLU D 239 -30.26 -9.94 -13.31
C GLU D 239 -30.17 -9.70 -11.80
N GLU E 27 -9.08 -1.13 36.70
CA GLU E 27 -8.94 0.31 36.65
C GLU E 27 -7.63 0.73 35.99
N VAL E 28 -6.63 -0.15 36.03
CA VAL E 28 -5.34 0.13 35.43
C VAL E 28 -5.45 0.00 33.92
N GLN E 29 -4.86 0.94 33.18
CA GLN E 29 -4.89 0.89 31.73
C GLN E 29 -3.68 1.61 31.14
N LEU E 30 -3.11 1.02 30.09
CA LEU E 30 -2.03 1.61 29.33
C LEU E 30 -2.51 1.78 27.90
N VAL E 31 -2.31 2.97 27.35
CA VAL E 31 -2.71 3.27 26.02
C VAL E 31 -1.53 3.73 25.20
N GLU E 32 -1.33 3.13 24.05
CA GLU E 32 -0.23 3.52 23.22
C GLU E 32 -0.66 4.29 22.02
N SER E 33 0.25 5.09 21.53
CA SER E 33 0.02 5.88 20.35
C SER E 33 1.32 6.22 19.69
N GLY E 34 1.25 6.74 18.48
CA GLY E 34 2.44 7.18 17.77
C GLY E 34 2.91 6.29 16.66
N GLY E 35 2.23 5.16 16.41
CA GLY E 35 2.66 4.23 15.38
C GLY E 35 2.32 4.72 13.99
N GLY E 36 2.62 3.87 13.01
CA GLY E 36 2.35 4.19 11.63
C GLY E 36 3.53 3.98 10.71
N LEU E 37 3.53 4.69 9.59
CA LEU E 37 4.55 4.52 8.55
C LEU E 37 5.71 5.47 8.79
N VAL E 38 6.93 4.94 8.73
CA VAL E 38 8.14 5.74 8.86
C VAL E 38 9.11 5.34 7.77
N GLN E 39 9.76 6.34 7.16
CA GLN E 39 10.73 6.05 6.11
C GLN E 39 11.90 5.27 6.69
N PRO E 40 12.53 4.42 5.89
CA PRO E 40 13.71 3.68 6.37
C PRO E 40 14.82 4.64 6.79
N GLY E 41 15.55 4.24 7.83
CA GLY E 41 16.54 5.10 8.43
C GLY E 41 15.98 6.24 9.25
N GLY E 42 14.68 6.49 9.18
CA GLY E 42 14.06 7.57 9.92
C GLY E 42 13.94 7.24 11.41
N SER E 43 13.12 8.06 12.07
CA SER E 43 12.99 8.03 13.51
C SER E 43 11.53 8.13 13.91
N LEU E 44 11.19 7.59 15.07
CA LEU E 44 9.81 7.55 15.51
C LEU E 44 9.74 7.55 17.03
N ARG E 45 8.70 8.17 17.57
CA ARG E 45 8.50 8.31 19.01
C ARG E 45 7.14 7.74 19.37
N LEU E 46 7.13 6.72 20.21
CA LEU E 46 5.91 6.06 20.66
C LEU E 46 5.62 6.45 22.10
N SER E 47 4.33 6.65 22.40
CA SER E 47 3.90 7.06 23.72
C SER E 47 3.02 6.01 24.36
N CYS E 48 3.10 5.91 25.68
CA CYS E 48 2.37 4.93 26.48
C CYS E 48 1.80 5.69 27.69
N ALA E 49 0.51 6.02 27.63
CA ALA E 49 -0.15 6.75 28.69
C ALA E 49 -0.72 5.77 29.70
N ALA E 50 -0.24 5.84 30.94
CA ALA E 50 -0.71 4.99 32.03
C ALA E 50 -1.77 5.72 32.84
N SER E 51 -2.72 4.95 33.38
CA SER E 51 -3.75 5.54 34.21
C SER E 51 -4.33 4.47 35.13
N GLY E 52 -4.79 4.91 36.30
CA GLY E 52 -5.37 4.02 37.29
C GLY E 52 -4.44 3.62 38.42
N TYR E 53 -3.23 4.16 38.46
CA TYR E 53 -2.27 3.86 39.50
C TYR E 53 -1.25 4.98 39.53
N THR E 54 -0.52 5.08 40.62
CA THR E 54 0.49 6.14 40.73
C THR E 54 1.68 5.76 39.86
N PHE E 55 1.98 6.63 38.89
CA PHE E 55 2.90 6.30 37.80
C PHE E 55 4.29 5.93 38.33
N THR E 56 4.75 6.61 39.38
CA THR E 56 6.12 6.42 39.85
C THR E 56 6.35 5.11 40.57
N GLU E 57 5.31 4.28 40.78
CA GLU E 57 5.44 3.09 41.61
C GLU E 57 5.80 1.84 40.82
N ASN E 58 5.72 1.85 39.49
CA ASN E 58 5.99 0.68 38.67
C ASN E 58 6.86 1.05 37.48
N THR E 59 7.80 0.17 37.15
CA THR E 59 8.57 0.34 35.92
C THR E 59 7.72 -0.01 34.71
N VAL E 60 8.04 0.60 33.57
CA VAL E 60 7.29 0.41 32.33
C VAL E 60 8.25 -0.07 31.26
N HIS E 61 7.85 -1.10 30.51
CA HIS E 61 8.74 -1.74 29.56
C HIS E 61 8.10 -1.77 28.17
N TRP E 62 8.96 -1.81 27.17
CA TRP E 62 8.57 -1.95 25.77
C TRP E 62 9.02 -3.30 25.26
N VAL E 63 8.08 -4.01 24.63
CA VAL E 63 8.22 -5.36 24.09
C VAL E 63 7.59 -5.34 22.71
N ARG E 64 8.28 -5.84 21.71
CA ARG E 64 7.77 -5.84 20.36
C ARG E 64 7.52 -7.19 19.75
N GLN E 65 6.64 -7.22 18.76
CA GLN E 65 6.34 -8.43 18.05
C GLN E 65 6.36 -8.28 16.57
N ALA E 66 7.24 -9.02 15.92
CA ALA E 66 7.32 -8.98 14.50
C ALA E 66 6.14 -9.73 13.91
N PRO E 67 5.75 -9.24 12.67
CA PRO E 67 4.58 -9.93 12.09
C PRO E 67 4.82 -11.42 11.94
N GLY E 68 4.01 -12.20 12.67
CA GLY E 68 4.12 -13.65 12.65
C GLY E 68 5.19 -14.24 13.54
N LYS E 69 6.06 -13.41 14.12
CA LYS E 69 7.14 -13.87 14.96
C LYS E 69 6.74 -13.75 16.44
N GLY E 70 7.71 -13.91 17.33
CA GLY E 70 7.46 -13.95 18.75
C GLY E 70 7.64 -12.61 19.43
N LEU E 71 7.63 -12.64 20.73
CA LEU E 71 7.80 -11.45 21.52
C LEU E 71 9.23 -11.23 21.90
N GLU E 72 9.68 -9.98 21.85
CA GLU E 72 11.03 -9.69 22.24
C GLU E 72 11.10 -8.43 23.05
N TRP E 73 11.70 -8.55 24.22
CA TRP E 73 11.82 -7.46 25.16
C TRP E 73 12.78 -6.41 24.68
N ILE E 74 12.32 -5.19 24.66
CA ILE E 74 13.15 -4.08 24.21
C ILE E 74 13.84 -3.44 25.40
N GLY E 75 13.07 -2.97 26.37
CA GLY E 75 13.70 -2.31 27.51
C GLY E 75 12.68 -1.74 28.46
N GLY E 76 13.17 -0.98 29.44
CA GLY E 76 12.27 -0.46 30.44
C GLY E 76 12.82 0.76 31.14
N ILE E 77 11.92 1.49 31.78
CA ILE E 77 12.26 2.71 32.51
C ILE E 77 11.65 2.62 33.91
N ASN E 78 12.43 3.07 34.91
CA ASN E 78 11.91 3.29 36.26
C ASN E 78 11.46 4.74 36.34
N PRO E 79 10.15 5.01 36.37
CA PRO E 79 9.70 6.41 36.35
C PRO E 79 10.05 7.18 37.61
N TYR E 80 10.29 6.49 38.74
CA TYR E 80 10.67 7.21 39.95
C TYR E 80 12.00 7.92 39.77
N TYR E 81 12.99 7.23 39.21
CA TYR E 81 14.31 7.81 39.01
C TYR E 81 14.42 8.52 37.66
N GLY E 82 14.09 7.81 36.58
CA GLY E 82 14.21 8.33 35.23
C GLY E 82 15.09 7.49 34.33
N GLY E 83 15.94 6.63 34.89
CA GLY E 83 16.84 5.83 34.09
C GLY E 83 16.17 4.60 33.51
N SER E 84 16.90 3.92 32.63
CA SER E 84 16.34 2.85 31.81
C SER E 84 17.35 1.73 31.63
N ILE E 85 16.84 0.55 31.28
CA ILE E 85 17.64 -0.61 30.91
C ILE E 85 17.26 -1.03 29.51
N PHE E 86 18.24 -1.57 28.78
CA PHE E 86 18.05 -2.01 27.41
C PHE E 86 18.60 -3.41 27.21
N SER E 87 17.97 -4.13 26.28
CA SER E 87 18.62 -5.30 25.71
C SER E 87 19.84 -4.85 24.91
N PRO E 88 20.95 -5.66 24.99
CA PRO E 88 22.10 -5.16 24.22
C PRO E 88 21.80 -4.93 22.75
N LYS E 89 20.75 -5.54 22.25
CA LYS E 89 20.36 -5.41 20.87
C LYS E 89 19.97 -3.99 20.53
N PHE E 90 19.42 -3.27 21.47
CA PHE E 90 18.98 -1.93 21.20
C PHE E 90 19.63 -0.84 22.04
N LYS E 91 20.61 -1.16 22.85
CA LYS E 91 21.17 -0.19 23.77
C LYS E 91 21.64 1.07 23.05
N GLY E 92 22.33 0.90 21.92
CA GLY E 92 22.83 2.07 21.21
C GLY E 92 21.80 2.82 20.40
N ARG E 93 20.67 2.18 20.09
CA ARG E 93 19.77 2.70 19.07
C ARG E 93 18.47 3.30 19.60
N PHE E 94 17.96 2.82 20.72
CA PHE E 94 16.70 3.33 21.25
C PHE E 94 16.93 4.05 22.57
N THR E 95 16.01 4.97 22.89
CA THR E 95 16.00 5.71 24.14
C THR E 95 14.63 5.57 24.76
N ILE E 96 14.55 5.56 26.09
CA ILE E 96 13.28 5.56 26.80
C ILE E 96 13.27 6.74 27.76
N SER E 97 12.18 7.49 27.74
CA SER E 97 12.00 8.63 28.64
C SER E 97 10.64 8.51 29.32
N ALA E 98 10.37 9.42 30.24
CA ALA E 98 9.11 9.41 30.96
C ALA E 98 8.72 10.84 31.33
N ASP E 99 7.48 11.18 31.04
CA ASP E 99 6.86 12.42 31.49
C ASP E 99 5.98 12.05 32.70
N THR E 100 6.50 12.34 33.89
CA THR E 100 5.78 12.00 35.12
C THR E 100 4.60 12.93 35.36
N SER E 101 4.68 14.17 34.87
CA SER E 101 3.54 15.08 35.00
C SER E 101 2.39 14.71 34.08
N LYS E 102 2.61 13.83 33.10
CA LYS E 102 1.56 13.34 32.24
C LYS E 102 1.33 11.84 32.36
N ASN E 103 2.08 11.15 33.23
CA ASN E 103 1.94 9.71 33.43
C ASN E 103 2.16 8.94 32.13
N THR E 104 3.20 9.31 31.38
CA THR E 104 3.43 8.71 30.08
C THR E 104 4.89 8.29 29.93
N ALA E 105 5.10 7.14 29.29
CA ALA E 105 6.42 6.68 28.92
C ALA E 105 6.62 6.84 27.42
N TYR E 106 7.86 7.08 27.01
CA TYR E 106 8.17 7.32 25.61
C TYR E 106 9.29 6.42 25.15
N LEU E 107 9.12 5.85 23.96
CA LEU E 107 10.15 5.07 23.29
C LEU E 107 10.58 5.81 22.04
N GLN E 108 11.84 6.16 21.98
CA GLN E 108 12.36 6.87 20.86
C GLN E 108 13.25 5.95 20.06
N MET E 109 12.84 5.66 18.84
CA MET E 109 13.61 4.78 17.99
C MET E 109 14.24 5.49 16.81
N ASN E 110 15.52 5.25 16.61
CA ASN E 110 16.20 5.87 15.50
C ASN E 110 16.75 4.85 14.54
N SER E 111 17.08 5.31 13.34
CA SER E 111 17.64 4.49 12.29
C SER E 111 16.89 3.21 12.07
N LEU E 112 15.62 3.36 11.81
CA LEU E 112 14.76 2.23 11.65
C LEU E 112 14.96 1.45 10.39
N ARG E 113 14.97 0.15 10.53
CA ARG E 113 15.14 -0.74 9.41
C ARG E 113 13.87 -1.52 9.18
N ALA E 114 13.81 -2.28 8.10
CA ALA E 114 12.63 -3.09 7.79
C ALA E 114 12.41 -4.14 8.83
N GLU E 115 13.49 -4.48 9.52
CA GLU E 115 13.57 -5.45 10.60
C GLU E 115 12.74 -5.02 11.80
N ASP E 116 12.67 -3.71 12.00
CA ASP E 116 11.92 -3.07 13.03
C ASP E 116 10.43 -2.99 12.80
N THR E 117 9.92 -3.36 11.63
CA THR E 117 8.48 -3.37 11.42
C THR E 117 7.83 -4.38 12.36
N ALA E 118 6.98 -3.88 13.26
CA ALA E 118 6.47 -4.76 14.31
C ALA E 118 5.32 -4.08 15.03
N VAL E 119 4.62 -4.85 15.86
CA VAL E 119 3.66 -4.31 16.81
C VAL E 119 4.38 -4.06 18.12
N TYR E 120 4.31 -2.83 18.61
CA TYR E 120 5.01 -2.42 19.82
C TYR E 120 4.04 -2.30 20.98
N TYR E 121 4.34 -3.00 22.07
CA TYR E 121 3.57 -2.99 23.29
C TYR E 121 4.38 -2.32 24.41
N CYS E 122 3.69 -1.58 25.26
CA CYS E 122 4.20 -1.26 26.58
C CYS E 122 3.48 -2.11 27.62
N ALA E 123 4.19 -2.42 28.68
CA ALA E 123 3.71 -3.33 29.71
C ALA E 123 4.23 -2.85 31.05
N ARG E 124 3.36 -2.87 32.06
CA ARG E 124 3.74 -2.47 33.40
C ARG E 124 4.31 -3.68 34.13
N ARG E 125 5.44 -3.49 34.80
CA ARG E 125 6.02 -4.56 35.59
C ARG E 125 5.51 -4.45 37.02
N ALA E 126 5.14 -5.60 37.59
CA ALA E 126 4.70 -5.68 38.97
C ALA E 126 5.27 -6.95 39.59
N GLY E 127 5.28 -6.97 40.92
CA GLY E 127 5.65 -8.18 41.65
C GLY E 127 7.03 -8.68 41.29
N ALA E 128 7.14 -9.99 41.08
CA ALA E 128 8.42 -10.63 40.81
C ALA E 128 8.79 -10.55 39.33
N TYR E 129 8.73 -9.34 38.77
CA TYR E 129 9.23 -9.06 37.42
C TYR E 129 8.39 -9.76 36.34
N TYR E 130 7.08 -9.77 36.53
CA TYR E 130 6.15 -10.16 35.48
C TYR E 130 5.43 -8.92 34.96
N PHE E 131 4.92 -9.02 33.73
CA PHE E 131 4.19 -7.93 33.09
C PHE E 131 2.69 -8.18 33.26
N ASP E 132 2.06 -7.39 34.12
CA ASP E 132 0.66 -7.65 34.45
C ASP E 132 -0.33 -6.88 33.58
N TYR E 133 -0.01 -5.67 33.15
CA TYR E 133 -0.89 -4.89 32.31
C TYR E 133 -0.19 -4.52 31.01
N TRP E 134 -0.92 -4.61 29.91
CA TRP E 134 -0.36 -4.44 28.58
C TRP E 134 -1.13 -3.38 27.82
N GLY E 135 -0.41 -2.57 27.06
CA GLY E 135 -1.06 -1.70 26.10
C GLY E 135 -1.66 -2.48 24.95
N GLN E 136 -2.49 -1.84 24.18
CA GLN E 136 -3.15 -2.45 23.07
C GLN E 136 -2.24 -2.76 21.91
N GLY E 137 -1.13 -2.05 21.81
CA GLY E 137 -0.16 -2.20 20.76
C GLY E 137 -0.29 -1.17 19.65
N THR E 138 0.82 -0.87 19.01
CA THR E 138 0.83 0.09 17.93
C THR E 138 1.73 -0.46 16.87
N LEU E 139 1.27 -0.48 15.64
CA LEU E 139 2.05 -1.07 14.56
C LEU E 139 2.94 -0.02 13.92
N VAL E 140 4.24 -0.29 13.91
CA VAL E 140 5.22 0.53 13.20
C VAL E 140 5.63 -0.21 11.93
N THR E 141 5.48 0.47 10.78
CA THR E 141 5.85 -0.09 9.49
C THR E 141 6.93 0.80 8.88
N VAL E 142 8.08 0.19 8.59
CA VAL E 142 9.25 0.89 8.05
C VAL E 142 9.30 0.61 6.55
N SER E 143 8.97 1.63 5.75
CA SER E 143 8.95 1.49 4.31
C SER E 143 8.99 2.88 3.68
N SER E 144 9.60 2.95 2.50
CA SER E 144 9.62 4.21 1.76
C SER E 144 8.32 4.49 1.05
N ALA E 145 7.41 3.52 0.98
CA ALA E 145 6.11 3.74 0.36
C ALA E 145 5.36 4.85 1.10
N SER E 146 4.33 5.36 0.48
CA SER E 146 3.55 6.42 1.07
C SER E 146 2.23 5.97 1.68
N THR E 147 1.68 6.79 2.56
CA THR E 147 0.42 6.51 3.22
C THR E 147 -0.74 6.66 2.29
N LYS E 148 -1.73 5.80 2.42
CA LYS E 148 -2.90 5.90 1.61
C LYS E 148 -4.11 5.41 2.33
N GLY E 149 -5.13 6.23 2.41
CA GLY E 149 -6.37 5.84 3.03
C GLY E 149 -7.24 5.02 2.11
N PRO E 150 -8.11 4.18 2.69
CA PRO E 150 -8.85 3.21 1.88
C PRO E 150 -10.09 3.78 1.24
N SER E 151 -10.54 3.08 0.20
CA SER E 151 -11.88 3.25 -0.37
C SER E 151 -12.76 2.12 0.15
N VAL E 152 -14.02 2.45 0.46
CA VAL E 152 -14.92 1.49 1.09
C VAL E 152 -16.09 1.23 0.14
N PHE E 153 -16.34 -0.05 -0.13
CA PHE E 153 -17.42 -0.42 -1.03
C PHE E 153 -18.37 -1.40 -0.36
N PRO E 154 -19.65 -1.36 -0.70
CA PRO E 154 -20.60 -2.28 -0.07
C PRO E 154 -20.55 -3.67 -0.67
N LEU E 155 -20.90 -4.65 0.16
CA LEU E 155 -21.11 -6.03 -0.25
C LEU E 155 -22.55 -6.35 0.16
N ALA E 156 -23.44 -6.01 -0.74
CA ALA E 156 -24.83 -6.12 -0.52
C ALA E 156 -25.40 -7.47 -0.72
N PRO E 157 -26.31 -7.81 0.20
CA PRO E 157 -27.10 -9.02 0.37
C PRO E 157 -27.98 -9.10 -0.82
N SER E 158 -28.02 -10.24 -1.47
CA SER E 158 -28.83 -10.33 -2.66
C SER E 158 -29.74 -11.50 -2.62
N SER E 159 -29.14 -12.65 -2.75
CA SER E 159 -29.81 -13.93 -2.71
C SER E 159 -28.74 -14.99 -2.79
N GLY E 165 -32.45 -19.02 6.37
CA GLY E 165 -33.04 -17.77 6.80
C GLY E 165 -31.98 -16.72 7.07
N THR E 166 -30.76 -16.99 6.64
CA THR E 166 -29.72 -16.02 6.88
C THR E 166 -29.15 -15.39 5.62
N ALA E 167 -28.86 -14.12 5.75
CA ALA E 167 -28.23 -13.33 4.70
C ALA E 167 -26.86 -12.85 5.17
N ALA E 168 -25.94 -12.73 4.23
CA ALA E 168 -24.62 -12.20 4.52
C ALA E 168 -24.45 -10.85 3.84
N LEU E 169 -23.79 -9.93 4.51
CA LEU E 169 -23.50 -8.62 3.94
C LEU E 169 -22.17 -8.15 4.45
N GLY E 170 -21.60 -7.24 3.70
CA GLY E 170 -20.32 -6.73 4.05
C GLY E 170 -19.76 -5.45 3.56
N CYS E 171 -18.48 -5.25 3.84
CA CYS E 171 -17.69 -4.08 3.49
C CYS E 171 -16.35 -4.45 2.93
N LEU E 172 -15.92 -3.83 1.86
CA LEU E 172 -14.62 -4.15 1.32
C LEU E 172 -13.78 -2.90 1.44
N VAL E 173 -12.66 -3.02 2.12
CA VAL E 173 -11.74 -1.92 2.39
C VAL E 173 -10.61 -2.14 1.42
N LYS E 174 -10.54 -1.27 0.44
CA LYS E 174 -9.64 -1.44 -0.69
C LYS E 174 -8.56 -0.37 -0.70
N ASP E 175 -7.34 -0.80 -0.99
CA ASP E 175 -6.22 0.06 -1.39
C ASP E 175 -5.85 1.05 -0.28
N TYR E 176 -5.23 0.51 0.76
CA TYR E 176 -4.75 1.34 1.86
C TYR E 176 -3.33 0.91 2.24
N PHE E 177 -2.61 1.86 2.83
CA PHE E 177 -1.26 1.62 3.32
C PHE E 177 -0.93 2.65 4.40
N PRO E 178 -0.31 2.20 5.50
CA PRO E 178 -0.05 0.79 5.77
C PRO E 178 -1.15 0.20 6.66
N GLU E 179 -0.90 -1.00 7.17
CA GLU E 179 -1.76 -1.59 8.18
C GLU E 179 -1.70 -0.76 9.46
N PRO E 180 -2.76 -0.81 10.29
CA PRO E 180 -3.99 -1.60 10.14
C PRO E 180 -5.25 -0.79 9.88
N VAL E 181 -6.32 -1.49 9.53
CA VAL E 181 -7.66 -0.94 9.45
C VAL E 181 -8.51 -1.63 10.50
N THR E 182 -9.25 -0.85 11.28
CA THR E 182 -10.25 -1.41 12.19
C THR E 182 -11.63 -1.27 11.56
N VAL E 183 -12.45 -2.31 11.70
CA VAL E 183 -13.80 -2.32 11.17
C VAL E 183 -14.76 -2.70 12.29
N SER E 184 -15.83 -1.93 12.45
CA SER E 184 -16.91 -2.25 13.37
C SER E 184 -18.22 -2.17 12.61
N TRP E 185 -19.30 -2.58 13.26
CA TRP E 185 -20.61 -2.58 12.65
C TRP E 185 -21.57 -1.95 13.60
N ASN E 186 -22.35 -0.98 13.12
CA ASN E 186 -23.32 -0.22 13.91
C ASN E 186 -22.66 0.39 15.14
N SER E 187 -21.46 0.94 14.96
CA SER E 187 -20.71 1.65 15.99
C SER E 187 -20.34 0.77 17.17
N GLY E 188 -20.38 -0.55 16.99
CA GLY E 188 -20.11 -1.49 18.06
C GLY E 188 -21.32 -2.26 18.53
N ALA E 189 -22.53 -1.85 18.13
CA ALA E 189 -23.73 -2.55 18.53
C ALA E 189 -23.73 -3.98 18.03
N LEU E 190 -23.46 -4.18 16.73
CA LEU E 190 -23.46 -5.50 16.13
C LEU E 190 -22.09 -6.14 16.29
N THR E 191 -22.05 -7.32 16.90
CA THR E 191 -20.81 -8.04 17.14
C THR E 191 -20.89 -9.53 16.87
N SER E 192 -22.04 -10.17 17.04
CA SER E 192 -22.17 -11.60 16.80
C SER E 192 -22.26 -11.88 15.30
N GLY E 193 -21.46 -12.84 14.84
CA GLY E 193 -21.46 -13.19 13.43
C GLY E 193 -20.60 -12.33 12.54
N VAL E 194 -19.82 -11.41 13.12
CA VAL E 194 -18.94 -10.55 12.35
C VAL E 194 -17.61 -11.25 12.13
N HIS E 195 -17.12 -11.21 10.89
CA HIS E 195 -15.80 -11.71 10.54
C HIS E 195 -15.06 -10.62 9.78
N THR E 196 -13.99 -10.12 10.35
CA THR E 196 -13.10 -9.20 9.66
C THR E 196 -11.83 -9.95 9.30
N PHE E 197 -11.58 -10.11 8.00
CA PHE E 197 -10.55 -11.00 7.51
C PHE E 197 -9.17 -10.36 7.59
N PRO E 198 -8.12 -11.18 7.66
CA PRO E 198 -6.76 -10.65 7.53
C PRO E 198 -6.59 -9.87 6.24
N ALA E 199 -5.75 -8.86 6.24
CA ALA E 199 -5.51 -8.09 5.05
C ALA E 199 -4.63 -8.80 4.04
N VAL E 200 -4.89 -8.64 2.76
CA VAL E 200 -4.04 -9.23 1.75
C VAL E 200 -3.33 -8.14 1.05
N LEU E 201 -2.10 -8.37 0.70
CA LEU E 201 -1.33 -7.38 0.00
C LEU E 201 -1.43 -7.62 -1.46
N GLN E 202 -1.94 -6.66 -2.16
CA GLN E 202 -2.12 -6.73 -3.60
C GLN E 202 -0.82 -6.42 -4.33
N SER E 203 -0.80 -6.72 -5.63
CA SER E 203 0.41 -6.50 -6.43
C SER E 203 0.75 -5.02 -6.51
N SER E 204 -0.25 -4.15 -6.36
CA SER E 204 -0.01 -2.72 -6.31
C SER E 204 0.84 -2.31 -5.11
N GLY E 205 1.04 -3.20 -4.14
CA GLY E 205 1.66 -2.83 -2.89
C GLY E 205 0.70 -2.26 -1.87
N LEU E 206 -0.59 -2.22 -2.18
CA LEU E 206 -1.62 -1.73 -1.28
C LEU E 206 -2.36 -2.90 -0.64
N TYR E 207 -2.96 -2.63 0.52
CA TYR E 207 -3.67 -3.65 1.27
C TYR E 207 -5.16 -3.61 0.97
N SER E 208 -5.81 -4.75 1.17
CA SER E 208 -7.25 -4.88 0.95
C SER E 208 -7.78 -5.95 1.89
N LEU E 209 -8.92 -5.69 2.50
CA LEU E 209 -9.56 -6.68 3.38
C LEU E 209 -11.07 -6.56 3.25
N SER E 210 -11.76 -7.56 3.76
CA SER E 210 -13.22 -7.58 3.75
C SER E 210 -13.73 -7.81 5.16
N SER E 211 -14.84 -7.17 5.50
CA SER E 211 -15.53 -7.46 6.76
C SER E 211 -16.97 -7.82 6.44
N VAL E 212 -17.42 -8.96 6.95
CA VAL E 212 -18.74 -9.49 6.64
C VAL E 212 -19.47 -9.82 7.93
N VAL E 213 -20.78 -9.99 7.81
CA VAL E 213 -21.64 -10.29 8.95
C VAL E 213 -22.85 -11.06 8.44
N THR E 214 -23.23 -12.08 9.19
CA THR E 214 -24.43 -12.87 8.92
C THR E 214 -25.56 -12.36 9.80
N VAL E 215 -26.68 -12.03 9.16
CA VAL E 215 -27.83 -11.45 9.85
C VAL E 215 -29.07 -12.24 9.43
N PRO E 216 -30.10 -12.23 10.27
CA PRO E 216 -31.37 -12.87 9.85
C PRO E 216 -31.97 -12.13 8.66
N SER E 217 -32.39 -12.91 7.65
CA SER E 217 -33.01 -12.33 6.48
C SER E 217 -34.36 -11.71 6.77
N SER E 218 -34.68 -11.54 8.03
CA SER E 218 -35.91 -10.94 8.40
C SER E 218 -35.61 -9.48 8.55
N SER E 219 -34.52 -9.21 9.24
CA SER E 219 -34.10 -7.86 9.52
C SER E 219 -33.63 -7.06 8.36
N LEU E 220 -33.63 -7.63 7.17
CA LEU E 220 -33.09 -6.95 6.03
C LEU E 220 -33.78 -5.63 5.71
N GLY E 221 -35.10 -5.59 5.85
CA GLY E 221 -35.82 -4.36 5.58
C GLY E 221 -35.87 -3.47 6.80
N THR E 222 -35.91 -4.07 7.95
CA THR E 222 -36.05 -3.33 9.19
C THR E 222 -34.84 -2.62 9.81
N GLN E 223 -33.77 -3.35 10.06
CA GLN E 223 -32.60 -2.75 10.68
C GLN E 223 -31.61 -2.22 9.65
N THR E 224 -30.91 -1.16 10.01
CA THR E 224 -29.88 -0.54 9.18
C THR E 224 -28.51 -1.06 9.59
N TYR E 225 -27.69 -1.38 8.60
CA TYR E 225 -26.37 -1.87 8.88
C TYR E 225 -25.36 -0.93 8.35
N ILE E 226 -24.52 -0.41 9.22
CA ILE E 226 -23.46 0.48 8.82
C ILE E 226 -22.15 -0.13 9.24
N CYS E 227 -21.16 -0.08 8.37
CA CYS E 227 -19.87 -0.58 8.69
C CYS E 227 -18.98 0.60 8.93
N ASN E 228 -18.28 0.61 10.05
CA ASN E 228 -17.41 1.71 10.37
C ASN E 228 -15.96 1.35 10.23
N VAL E 229 -15.27 2.07 9.38
CA VAL E 229 -13.89 1.83 9.05
C VAL E 229 -13.00 2.92 9.54
N ASN E 230 -11.91 2.57 10.21
CA ASN E 230 -10.99 3.57 10.70
C ASN E 230 -9.58 3.27 10.28
N HIS E 231 -8.90 4.22 9.68
CA HIS E 231 -7.52 4.01 9.29
C HIS E 231 -6.79 5.11 9.96
N LYS E 232 -6.23 4.80 11.11
CA LYS E 232 -5.51 5.78 11.91
C LYS E 232 -4.23 6.28 11.24
N PRO E 233 -3.47 5.44 10.48
CA PRO E 233 -2.26 5.96 9.82
C PRO E 233 -2.55 7.02 8.75
N SER E 234 -3.83 7.28 8.46
CA SER E 234 -4.19 8.37 7.57
C SER E 234 -5.37 9.18 8.10
N ASN E 235 -5.78 8.97 9.34
CA ASN E 235 -6.90 9.70 9.96
C ASN E 235 -8.15 9.64 9.08
N THR E 236 -8.45 8.43 8.60
CA THR E 236 -9.57 8.20 7.68
C THR E 236 -10.66 7.46 8.43
N LYS E 237 -11.83 8.10 8.57
CA LYS E 237 -12.99 7.48 9.17
C LYS E 237 -14.12 7.47 8.15
N VAL E 238 -14.61 6.28 7.81
CA VAL E 238 -15.67 6.12 6.82
C VAL E 238 -16.78 5.31 7.45
N ASP E 239 -18.03 5.58 7.04
CA ASP E 239 -19.18 4.81 7.50
C ASP E 239 -20.06 4.53 6.30
N LYS E 240 -20.11 3.27 5.89
CA LYS E 240 -20.87 2.87 4.69
C LYS E 240 -22.14 2.15 5.12
N LYS E 241 -23.29 2.64 4.65
CA LYS E 241 -24.52 1.90 4.76
C LYS E 241 -24.54 0.80 3.71
N VAL E 242 -24.87 -0.41 4.12
CA VAL E 242 -24.94 -1.56 3.23
C VAL E 242 -26.41 -1.86 3.01
N GLU E 243 -26.94 -1.44 1.86
CA GLU E 243 -28.33 -1.64 1.52
C GLU E 243 -28.49 -2.84 0.58
N PRO E 244 -29.62 -3.55 0.68
CA PRO E 244 -29.82 -4.72 -0.17
C PRO E 244 -29.95 -4.35 -1.65
N LYS E 245 -29.67 -5.34 -2.49
CA LYS E 245 -29.80 -5.29 -3.95
C LYS E 245 -29.58 -3.91 -4.57
N LEU F 1 19.35 6.32 36.93
CA LEU F 1 19.47 4.91 37.21
C LEU F 1 18.16 4.18 37.17
N LEU F 3 17.83 0.63 38.82
CA LEU F 3 17.69 -0.21 39.98
C LEU F 3 17.41 0.53 41.27
#